data_6VXJ
#
_entry.id   6VXJ
#
_cell.length_a   1.00
_cell.length_b   1.00
_cell.length_c   1.00
_cell.angle_alpha   90.00
_cell.angle_beta   90.00
_cell.angle_gamma   90.00
#
_symmetry.space_group_name_H-M   'P 1'
#
loop_
_entity.id
_entity.type
_entity.pdbx_description
1 polymer 'Broad substrate specificity ATP-binding cassette transporter ABCG2'
2 non-polymer CHOLESTEROL
3 non-polymer 7-ethyl-10-hydroxycamptothecin
#
_entity_poly.entity_id   1
_entity_poly.type   'polypeptide(L)'
_entity_poly.pdbx_seq_one_letter_code
;MSSSNVEVFIPVSQGNTNGFPATASNDLKAFTEGAVLSFHNICYRVKLKSGFLPCRKPVEKEILSNINGIMKPGLNAILG
PTGGGKSSLLDVLAARKDPSGLSGDVLINGAPRPANFKCNSGYVVQDDVVMGTLTVRENLQFSAALRLATTMTNHEKNER
INRVIQELGLDKVADSKVGTQFIRGVSGGERKRTSIGMELITDPSILFLDEPTTGLDSSTANAVLLLLKRMSKQGRTIIF
SIHQPRYSIFKLFDSLTLLASGRLMFHGPAQEALGYFESAGYHCEAYNNPADFFLDIINGDSTAVALNREEDFKATEIIE
PSKQDKPLIEKLAEIYVNSSFYKETKAELHQLSGGEKKKKITVFKEISYTTSFCHQLRWVSKRSFKNLLGNPQASIAQII
VTVVLGLVIGAIYFGLKNDSTGIQNRAGVLFFLTTNQCFSSVSAVELFVVEKKLFIHEYISGYYRVSSYFLGKLLSDLLP
MRMLPSIIFTCIVYFMLGLKPKADAFFVMMFTLMMVAYSASSMALAIAAGQSVVSVATLLMTICFVFMMIFSGLLVNLTT
IASWLSWLQYFSIPRYGFTALQHNEFLGQNFCPGLNATGNNPCNYATCTGEEYLVKQGIDLSPWGLWKNHVALACMIVIF
LTIAYLKLLFLKKYS
;
_entity_poly.pdbx_strand_id   A,B
#
loop_
_chem_comp.id
_chem_comp.type
_chem_comp.name
_chem_comp.formula
CLR non-polymer CHOLESTEROL 'C27 H46 O'
RS4 non-polymer 7-ethyl-10-hydroxycamptothecin 'C22 H20 N2 O5'
#
# COMPACT_ATOMS: atom_id res chain seq x y z
N ALA A 35 -22.71 -28.47 25.93
CA ALA A 35 -21.57 -27.69 26.36
C ALA A 35 -21.89 -26.20 26.29
N VAL A 36 -22.06 -25.58 27.46
CA VAL A 36 -22.49 -24.19 27.57
C VAL A 36 -21.29 -23.37 28.06
N LEU A 37 -21.31 -22.08 27.77
CA LEU A 37 -20.30 -21.17 28.28
C LEU A 37 -20.92 -20.21 29.27
N SER A 38 -20.09 -19.76 30.21
CA SER A 38 -20.53 -18.73 31.15
C SER A 38 -19.31 -17.92 31.58
N PHE A 39 -19.58 -16.73 32.11
CA PHE A 39 -18.52 -15.76 32.37
C PHE A 39 -18.97 -14.82 33.48
N HIS A 40 -18.03 -14.49 34.37
CA HIS A 40 -18.39 -13.77 35.58
C HIS A 40 -17.33 -12.73 35.92
N ASN A 41 -17.76 -11.46 35.94
CA ASN A 41 -17.00 -10.33 36.51
C ASN A 41 -15.67 -10.13 35.79
N ILE A 42 -15.73 -10.01 34.47
CA ILE A 42 -14.53 -9.87 33.67
C ILE A 42 -14.01 -8.44 33.82
N CYS A 43 -12.82 -8.30 34.39
CA CYS A 43 -12.10 -7.05 34.45
C CYS A 43 -10.87 -7.17 33.55
N TYR A 44 -10.74 -6.27 32.58
CA TYR A 44 -9.66 -6.35 31.60
C TYR A 44 -9.04 -4.98 31.42
N ARG A 45 -7.75 -4.86 31.75
CA ARG A 45 -6.99 -3.65 31.55
C ARG A 45 -5.89 -3.89 30.52
N VAL A 46 -5.60 -2.85 29.74
CA VAL A 46 -4.53 -2.90 28.75
C VAL A 46 -3.19 -2.54 29.40
N LYS A 61 -5.98 1.66 31.38
CA LYS A 61 -7.34 1.80 30.86
C LYS A 61 -8.05 0.44 30.87
N GLU A 62 -9.19 0.39 31.57
CA GLU A 62 -10.00 -0.81 31.65
C GLU A 62 -10.90 -0.86 30.44
N ILE A 63 -10.71 -1.86 29.57
CA ILE A 63 -11.51 -1.95 28.35
C ILE A 63 -12.72 -2.85 28.51
N LEU A 64 -12.62 -3.93 29.29
CA LEU A 64 -13.79 -4.79 29.55
C LEU A 64 -14.02 -4.76 31.07
N SER A 65 -14.94 -3.90 31.48
CA SER A 65 -15.00 -3.47 32.87
C SER A 65 -15.75 -4.43 33.79
N ASN A 66 -17.05 -4.63 33.54
CA ASN A 66 -17.93 -5.32 34.47
C ASN A 66 -18.84 -6.31 33.76
N ILE A 67 -18.25 -7.18 32.93
CA ILE A 67 -19.03 -8.08 32.09
C ILE A 67 -19.24 -9.38 32.86
N ASN A 68 -20.49 -9.87 32.85
CA ASN A 68 -20.83 -11.17 33.42
C ASN A 68 -22.15 -11.65 32.81
N GLY A 69 -22.31 -12.97 32.73
CA GLY A 69 -23.49 -13.54 32.11
C GLY A 69 -23.23 -14.95 31.64
N ILE A 70 -24.30 -15.59 31.17
CA ILE A 70 -24.25 -16.98 30.73
C ILE A 70 -24.56 -17.06 29.25
N MET A 71 -24.36 -18.23 28.66
CA MET A 71 -24.75 -18.52 27.30
C MET A 71 -25.80 -19.63 27.28
N LYS A 72 -26.09 -20.10 26.08
CA LYS A 72 -26.97 -21.22 25.80
C LYS A 72 -26.39 -21.98 24.62
N PRO A 73 -26.47 -23.32 24.62
CA PRO A 73 -25.95 -24.07 23.47
C PRO A 73 -26.77 -23.91 22.20
N GLY A 74 -26.82 -22.69 21.68
CA GLY A 74 -27.58 -22.36 20.51
C GLY A 74 -26.83 -21.38 19.64
N LEU A 75 -27.45 -20.24 19.37
CA LEU A 75 -26.87 -19.21 18.51
C LEU A 75 -26.76 -17.92 19.30
N ASN A 76 -25.59 -17.63 19.85
CA ASN A 76 -25.38 -16.46 20.67
C ASN A 76 -24.78 -15.35 19.82
N ALA A 77 -24.93 -14.10 20.27
CA ALA A 77 -24.47 -12.98 19.47
C ALA A 77 -23.94 -11.89 20.39
N ILE A 78 -23.00 -11.12 19.86
CA ILE A 78 -22.41 -9.99 20.57
C ILE A 78 -22.71 -8.73 19.76
N LEU A 79 -23.47 -7.82 20.34
CA LEU A 79 -23.91 -6.63 19.61
C LEU A 79 -23.28 -5.38 20.20
N GLY A 80 -23.49 -4.28 19.48
CA GLY A 80 -22.94 -3.00 19.86
C GLY A 80 -22.14 -2.39 18.73
N PRO A 81 -21.52 -1.25 18.97
CA PRO A 81 -20.68 -0.63 17.95
C PRO A 81 -19.28 -1.22 17.98
N THR A 82 -18.52 -0.89 16.93
CA THR A 82 -17.11 -1.27 16.89
C THR A 82 -16.27 -0.47 17.87
N GLY A 83 -16.75 0.70 18.30
CA GLY A 83 -16.02 1.50 19.27
C GLY A 83 -16.01 0.92 20.67
N GLY A 84 -17.01 0.10 21.00
CA GLY A 84 -17.13 -0.46 22.34
C GLY A 84 -16.22 -1.63 22.59
N GLY A 85 -16.62 -2.47 23.55
CA GLY A 85 -15.86 -3.67 23.86
C GLY A 85 -16.45 -4.89 23.20
N LYS A 86 -17.11 -4.67 22.06
CA LYS A 86 -17.79 -5.75 21.36
C LYS A 86 -16.79 -6.75 20.78
N SER A 87 -15.84 -6.26 19.99
CA SER A 87 -14.84 -7.14 19.39
C SER A 87 -13.88 -7.68 20.44
N SER A 88 -13.60 -6.90 21.48
CA SER A 88 -12.66 -7.33 22.50
C SER A 88 -13.26 -8.37 23.44
N LEU A 89 -14.60 -8.45 23.52
CA LEU A 89 -15.19 -9.50 24.34
C LEU A 89 -15.02 -10.86 23.70
N LEU A 90 -15.31 -10.97 22.41
CA LEU A 90 -15.29 -12.24 21.70
C LEU A 90 -13.89 -12.82 21.66
N ASP A 91 -12.86 -11.97 21.63
CA ASP A 91 -11.50 -12.46 21.68
C ASP A 91 -11.17 -13.07 23.03
N VAL A 92 -11.67 -12.48 24.11
CA VAL A 92 -11.36 -13.00 25.43
C VAL A 92 -12.17 -14.26 25.71
N LEU A 93 -13.37 -14.35 25.13
CA LEU A 93 -14.16 -15.56 25.29
C LEU A 93 -13.67 -16.67 24.38
N ALA A 94 -12.85 -16.33 23.38
CA ALA A 94 -12.21 -17.35 22.56
C ALA A 94 -10.77 -17.58 22.92
N ALA A 95 -10.31 -17.02 24.05
CA ALA A 95 -8.92 -17.07 24.52
C ALA A 95 -7.95 -16.54 23.47
N ARG A 96 -8.40 -15.54 22.72
CA ARG A 96 -7.55 -14.89 21.73
C ARG A 96 -6.71 -13.77 22.34
N LYS A 97 -7.25 -13.04 23.30
CA LYS A 97 -6.48 -12.01 23.97
C LYS A 97 -5.50 -12.65 24.96
N ASP A 98 -4.56 -11.84 25.42
CA ASP A 98 -3.62 -12.31 26.42
C ASP A 98 -4.30 -12.38 27.79
N PRO A 99 -3.93 -13.36 28.61
CA PRO A 99 -4.51 -13.43 29.96
C PRO A 99 -3.77 -12.58 30.97
N SER A 100 -2.92 -11.66 30.49
CA SER A 100 -2.21 -10.73 31.36
C SER A 100 -3.18 -9.76 32.03
N GLY A 101 -3.87 -8.95 31.22
CA GLY A 101 -4.85 -8.03 31.76
C GLY A 101 -6.14 -8.66 32.24
N LEU A 102 -6.30 -9.97 32.04
CA LEU A 102 -7.53 -10.65 32.43
C LEU A 102 -7.61 -10.83 33.93
N SER A 103 -8.79 -10.56 34.50
CA SER A 103 -9.03 -10.78 35.91
C SER A 103 -10.18 -11.75 36.17
N GLY A 104 -11.26 -11.65 35.40
CA GLY A 104 -12.38 -12.55 35.59
C GLY A 104 -12.09 -13.95 35.09
N ASP A 105 -13.06 -14.83 35.29
CA ASP A 105 -12.95 -16.21 34.87
C ASP A 105 -14.03 -16.52 33.83
N VAL A 106 -13.71 -17.42 32.91
CA VAL A 106 -14.66 -17.92 31.93
C VAL A 106 -14.87 -19.40 32.24
N LEU A 107 -16.10 -19.75 32.60
CA LEU A 107 -16.43 -21.11 33.00
C LEU A 107 -17.25 -21.75 31.89
N ILE A 108 -16.69 -22.76 31.25
CA ILE A 108 -17.45 -23.56 30.29
C ILE A 108 -18.10 -24.71 31.05
N ASN A 109 -19.45 -24.72 31.06
CA ASN A 109 -20.34 -25.59 31.87
C ASN A 109 -19.83 -25.83 33.29
N GLY A 110 -19.39 -24.76 33.93
CA GLY A 110 -18.84 -24.82 35.26
C GLY A 110 -17.35 -25.06 35.32
N ALA A 111 -16.82 -25.88 34.42
CA ALA A 111 -15.38 -26.13 34.39
C ALA A 111 -14.63 -24.92 33.83
N PRO A 112 -13.47 -24.61 34.38
CA PRO A 112 -12.64 -23.56 33.77
C PRO A 112 -12.07 -24.04 32.44
N ARG A 113 -11.70 -23.07 31.62
CA ARG A 113 -11.21 -23.37 30.28
C ARG A 113 -9.84 -24.04 30.35
N PRO A 114 -9.67 -25.23 29.81
CA PRO A 114 -8.39 -25.93 29.91
C PRO A 114 -7.36 -25.32 28.96
N ALA A 115 -6.15 -25.89 29.01
CA ALA A 115 -5.04 -25.41 28.21
C ALA A 115 -5.27 -25.62 26.71
N ASN A 116 -5.86 -26.74 26.32
CA ASN A 116 -6.18 -27.01 24.92
C ASN A 116 -7.61 -26.64 24.57
N PHE A 117 -8.14 -25.60 25.21
CA PHE A 117 -9.41 -25.03 24.79
C PHE A 117 -9.34 -24.46 23.38
N LYS A 118 -8.21 -23.85 23.04
CA LYS A 118 -8.04 -23.27 21.72
C LYS A 118 -7.85 -24.33 20.64
N CYS A 119 -7.46 -25.54 21.04
CA CYS A 119 -7.35 -26.63 20.08
C CYS A 119 -8.72 -27.11 19.59
N ASN A 120 -9.73 -27.08 20.45
CA ASN A 120 -11.03 -27.65 20.12
C ASN A 120 -12.07 -26.62 19.68
N SER A 121 -11.74 -25.33 19.71
CA SER A 121 -12.73 -24.29 19.50
C SER A 121 -12.30 -23.40 18.34
N GLY A 122 -13.10 -23.40 17.28
CA GLY A 122 -12.74 -22.68 16.09
C GLY A 122 -13.11 -21.21 16.15
N TYR A 123 -12.24 -20.39 15.55
CA TYR A 123 -12.38 -18.94 15.59
C TYR A 123 -12.18 -18.45 14.17
N VAL A 124 -13.25 -18.00 13.53
CA VAL A 124 -13.18 -17.52 12.16
C VAL A 124 -12.80 -16.04 12.19
N VAL A 125 -11.73 -15.68 11.50
CA VAL A 125 -11.19 -14.34 11.51
C VAL A 125 -12.00 -13.49 10.53
N GLN A 126 -11.99 -12.16 10.72
CA GLN A 126 -12.88 -11.25 10.01
C GLN A 126 -12.60 -11.22 8.52
N ASP A 127 -11.37 -10.93 8.12
CA ASP A 127 -10.99 -10.97 6.72
C ASP A 127 -10.91 -12.40 6.21
N ASP A 128 -10.80 -12.54 4.91
CA ASP A 128 -10.61 -13.86 4.32
C ASP A 128 -9.19 -14.33 4.61
N VAL A 129 -9.05 -15.17 5.63
CA VAL A 129 -7.78 -15.83 5.90
C VAL A 129 -7.73 -17.20 5.22
N VAL A 130 -8.63 -17.46 4.29
CA VAL A 130 -8.48 -18.62 3.43
C VAL A 130 -7.35 -18.34 2.45
N MET A 131 -6.70 -19.41 2.01
CA MET A 131 -5.67 -19.29 0.98
C MET A 131 -6.34 -19.02 -0.36
N GLY A 132 -6.03 -17.88 -0.96
CA GLY A 132 -6.76 -17.42 -2.12
C GLY A 132 -6.49 -18.26 -3.35
N THR A 133 -5.23 -18.56 -3.61
CA THR A 133 -4.88 -19.31 -4.82
C THR A 133 -4.76 -20.80 -4.55
N LEU A 134 -5.76 -21.39 -3.90
CA LEU A 134 -5.80 -22.83 -3.72
C LEU A 134 -7.21 -23.34 -4.01
N THR A 135 -7.26 -24.61 -4.41
CA THR A 135 -8.52 -25.27 -4.64
C THR A 135 -9.23 -25.52 -3.32
N VAL A 136 -10.54 -25.36 -3.32
CA VAL A 136 -11.36 -25.46 -2.10
C VAL A 136 -11.30 -26.87 -1.52
N ARG A 137 -11.14 -27.88 -2.37
CA ARG A 137 -10.92 -29.25 -1.90
C ARG A 137 -9.65 -29.35 -1.07
N GLU A 138 -8.51 -29.00 -1.67
CA GLU A 138 -7.24 -29.10 -0.95
C GLU A 138 -7.11 -28.01 0.11
N ASN A 139 -7.90 -26.95 0.03
CA ASN A 139 -7.97 -25.99 1.12
C ASN A 139 -8.57 -26.62 2.37
N LEU A 140 -9.57 -27.47 2.19
CA LEU A 140 -10.17 -28.13 3.33
C LEU A 140 -9.36 -29.34 3.77
N GLN A 141 -8.55 -29.90 2.87
CA GLN A 141 -7.69 -31.01 3.25
C GLN A 141 -6.57 -30.56 4.16
N PHE A 142 -6.19 -29.29 4.10
CA PHE A 142 -5.00 -28.82 4.80
C PHE A 142 -5.22 -28.81 6.30
N SER A 143 -6.32 -28.21 6.75
CA SER A 143 -6.62 -28.19 8.17
C SER A 143 -6.94 -29.57 8.72
N ALA A 144 -7.44 -30.46 7.87
CA ALA A 144 -7.61 -31.84 8.27
C ALA A 144 -6.29 -32.57 8.38
N ALA A 145 -5.24 -32.09 7.72
CA ALA A 145 -4.00 -32.83 7.66
C ALA A 145 -3.12 -32.66 8.89
N LEU A 146 -3.34 -31.63 9.71
CA LEU A 146 -2.44 -31.35 10.81
C LEU A 146 -3.06 -31.56 12.19
N ARG A 147 -4.38 -31.69 12.29
CA ARG A 147 -5.01 -31.81 13.60
C ARG A 147 -5.47 -33.23 13.90
N LEU A 148 -5.33 -34.15 12.96
CA LEU A 148 -6.06 -35.43 13.05
C LEU A 148 -5.22 -36.66 12.77
N ALA A 149 -4.06 -36.56 12.12
CA ALA A 149 -3.35 -37.72 11.62
C ALA A 149 -2.47 -38.40 12.67
N THR A 150 -2.74 -38.20 13.95
CA THR A 150 -1.93 -38.84 14.98
C THR A 150 -2.25 -40.33 15.10
N THR A 151 -3.51 -40.71 14.96
CA THR A 151 -3.90 -42.10 15.10
C THR A 151 -4.57 -42.64 13.83
N MET A 152 -5.55 -41.91 13.31
CA MET A 152 -6.37 -42.39 12.23
C MET A 152 -5.62 -42.35 10.91
N THR A 153 -6.07 -43.16 9.97
CA THR A 153 -5.43 -43.25 8.67
C THR A 153 -5.84 -42.07 7.81
N ASN A 154 -5.23 -41.97 6.62
CA ASN A 154 -5.63 -40.96 5.65
C ASN A 154 -7.03 -41.24 5.14
N HIS A 155 -7.30 -42.50 4.78
CA HIS A 155 -8.61 -42.88 4.27
C HIS A 155 -9.66 -43.03 5.36
N GLU A 156 -9.29 -42.81 6.63
CA GLU A 156 -10.30 -42.71 7.68
C GLU A 156 -10.78 -41.27 7.83
N LYS A 157 -9.86 -40.31 7.77
CA LYS A 157 -10.24 -38.91 7.91
C LYS A 157 -10.76 -38.30 6.61
N ASN A 158 -10.77 -39.04 5.50
CA ASN A 158 -11.33 -38.52 4.26
C ASN A 158 -12.84 -38.37 4.31
N GLU A 159 -13.53 -39.09 5.19
CA GLU A 159 -14.98 -39.12 5.15
C GLU A 159 -15.58 -37.85 5.76
N ARG A 160 -14.96 -37.35 6.83
CA ARG A 160 -15.44 -36.12 7.45
C ARG A 160 -15.16 -34.89 6.61
N ILE A 161 -14.20 -34.96 5.69
CA ILE A 161 -14.07 -33.90 4.69
C ILE A 161 -15.27 -33.89 3.77
N ASN A 162 -15.69 -35.06 3.32
CA ASN A 162 -16.89 -35.18 2.50
C ASN A 162 -18.17 -34.96 3.28
N ARG A 163 -18.10 -35.02 4.61
CA ARG A 163 -19.29 -34.76 5.42
C ARG A 163 -19.51 -33.25 5.57
N VAL A 164 -18.44 -32.50 5.83
CA VAL A 164 -18.56 -31.07 6.05
C VAL A 164 -18.67 -30.27 4.76
N ILE A 165 -18.44 -30.90 3.62
CA ILE A 165 -18.62 -30.19 2.36
C ILE A 165 -20.09 -30.11 1.97
N GLN A 166 -20.92 -31.04 2.46
CA GLN A 166 -22.33 -31.07 2.12
C GLN A 166 -23.22 -30.36 3.13
N GLU A 167 -22.90 -30.44 4.42
CA GLU A 167 -23.63 -29.66 5.40
C GLU A 167 -23.28 -28.18 5.29
N LEU A 168 -22.14 -27.86 4.68
CA LEU A 168 -21.91 -26.49 4.24
C LEU A 168 -22.57 -26.21 2.90
N GLY A 169 -22.84 -27.24 2.10
CA GLY A 169 -23.36 -27.01 0.78
C GLY A 169 -22.33 -26.54 -0.20
N LEU A 170 -21.07 -26.91 0.00
CA LEU A 170 -19.98 -26.43 -0.83
C LEU A 170 -19.45 -27.49 -1.80
N ASP A 171 -20.28 -28.48 -2.14
CA ASP A 171 -19.91 -29.41 -3.20
C ASP A 171 -20.04 -28.79 -4.58
N LYS A 172 -20.76 -27.67 -4.70
CA LYS A 172 -20.98 -27.02 -5.97
C LYS A 172 -19.71 -26.46 -6.60
N VAL A 173 -18.81 -25.90 -5.80
CA VAL A 173 -17.59 -25.29 -6.30
C VAL A 173 -16.39 -25.91 -5.61
N ALA A 174 -16.52 -27.18 -5.24
CA ALA A 174 -15.52 -27.84 -4.40
C ALA A 174 -14.20 -28.05 -5.13
N ASP A 175 -14.21 -28.04 -6.46
CA ASP A 175 -13.00 -28.26 -7.24
C ASP A 175 -12.50 -26.98 -7.91
N SER A 176 -12.87 -25.82 -7.36
CA SER A 176 -12.46 -24.55 -7.93
C SER A 176 -11.51 -23.85 -6.99
N LYS A 177 -10.71 -22.95 -7.54
CA LYS A 177 -9.85 -22.11 -6.71
C LYS A 177 -10.69 -21.07 -6.00
N VAL A 178 -10.19 -20.59 -4.86
CA VAL A 178 -10.97 -19.67 -4.02
C VAL A 178 -11.10 -18.31 -4.68
N GLY A 179 -9.98 -17.66 -4.94
CA GLY A 179 -10.03 -16.37 -5.61
C GLY A 179 -9.59 -15.24 -4.73
N THR A 180 -8.85 -14.30 -5.30
CA THR A 180 -8.34 -13.14 -4.57
C THR A 180 -8.47 -11.89 -5.41
N GLN A 181 -7.80 -10.80 -5.00
CA GLN A 181 -7.78 -9.60 -5.82
C GLN A 181 -6.85 -9.74 -7.03
N PHE A 182 -5.96 -10.72 -7.03
CA PHE A 182 -5.12 -11.01 -8.18
C PHE A 182 -5.81 -11.91 -9.21
N ILE A 183 -6.40 -13.02 -8.78
CA ILE A 183 -7.07 -13.94 -9.69
C ILE A 183 -8.46 -14.25 -9.16
N ARG A 184 -9.37 -14.53 -10.08
CA ARG A 184 -10.75 -14.82 -9.74
C ARG A 184 -10.92 -16.30 -9.40
N GLY A 185 -12.15 -16.64 -9.00
CA GLY A 185 -12.47 -17.99 -8.59
C GLY A 185 -13.88 -18.07 -8.05
N VAL A 186 -14.03 -18.68 -6.89
CA VAL A 186 -15.33 -18.71 -6.20
C VAL A 186 -15.67 -17.29 -5.72
N SER A 187 -16.94 -16.94 -5.85
CA SER A 187 -17.43 -15.61 -5.47
C SER A 187 -17.26 -15.35 -3.97
N GLY A 188 -17.33 -14.07 -3.60
CA GLY A 188 -17.04 -13.64 -2.25
C GLY A 188 -18.05 -14.09 -1.20
N GLY A 189 -19.26 -14.47 -1.63
CA GLY A 189 -20.23 -14.95 -0.67
C GLY A 189 -19.88 -16.30 -0.08
N GLU A 190 -19.22 -17.15 -0.86
CA GLU A 190 -18.81 -18.46 -0.40
C GLU A 190 -17.35 -18.50 0.04
N ARG A 191 -16.69 -17.34 0.09
CA ARG A 191 -15.36 -17.29 0.69
C ARG A 191 -15.45 -17.43 2.19
N LYS A 192 -16.48 -16.84 2.80
CA LYS A 192 -16.69 -16.98 4.22
C LYS A 192 -17.05 -18.40 4.63
N ARG A 193 -17.70 -19.15 3.74
CA ARG A 193 -18.04 -20.51 4.11
C ARG A 193 -16.78 -21.37 4.18
N THR A 194 -15.80 -21.09 3.33
CA THR A 194 -14.54 -21.80 3.38
C THR A 194 -13.76 -21.51 4.64
N SER A 195 -13.85 -20.28 5.17
CA SER A 195 -13.25 -20.01 6.46
C SER A 195 -13.97 -20.76 7.57
N ILE A 196 -15.30 -20.82 7.50
CA ILE A 196 -16.08 -21.50 8.52
C ILE A 196 -15.87 -23.00 8.43
N GLY A 197 -15.95 -23.55 7.23
CA GLY A 197 -15.77 -24.97 7.04
C GLY A 197 -14.38 -25.47 7.37
N MET A 198 -13.38 -24.59 7.30
CA MET A 198 -12.03 -24.99 7.65
C MET A 198 -11.89 -25.31 9.13
N GLU A 199 -12.69 -24.65 9.97
CA GLU A 199 -12.59 -24.86 11.41
C GLU A 199 -13.64 -25.83 11.94
N LEU A 200 -14.15 -26.73 11.09
CA LEU A 200 -15.16 -27.69 11.50
C LEU A 200 -14.68 -29.13 11.49
N ILE A 201 -13.48 -29.40 10.96
CA ILE A 201 -13.05 -30.78 10.75
C ILE A 201 -12.74 -31.45 12.08
N THR A 202 -11.89 -30.84 12.89
CA THR A 202 -11.84 -31.26 14.28
C THR A 202 -13.14 -30.85 14.96
N ASP A 203 -13.55 -31.65 15.93
CA ASP A 203 -14.91 -31.59 16.42
C ASP A 203 -15.12 -30.37 17.32
N PRO A 204 -15.96 -29.41 16.93
CA PRO A 204 -16.14 -28.23 17.78
C PRO A 204 -17.29 -28.38 18.76
N SER A 205 -17.08 -27.87 19.96
CA SER A 205 -18.15 -27.67 20.91
C SER A 205 -18.60 -26.22 20.96
N ILE A 206 -17.64 -25.30 20.83
CA ILE A 206 -17.92 -23.88 20.72
C ILE A 206 -17.33 -23.41 19.40
N LEU A 207 -18.06 -22.53 18.72
CA LEU A 207 -17.60 -21.98 17.45
C LEU A 207 -17.74 -20.47 17.52
N PHE A 208 -16.68 -19.77 17.19
CA PHE A 208 -16.67 -18.31 17.20
C PHE A 208 -16.61 -17.76 15.78
N LEU A 209 -17.16 -16.57 15.61
CA LEU A 209 -17.14 -15.89 14.31
C LEU A 209 -16.87 -14.41 14.56
N ASP A 210 -15.77 -13.90 14.04
CA ASP A 210 -15.40 -12.49 14.19
C ASP A 210 -16.04 -11.72 13.04
N GLU A 211 -17.18 -11.09 13.30
CA GLU A 211 -17.93 -10.19 12.43
C GLU A 211 -18.24 -10.83 11.08
N PRO A 212 -19.16 -11.80 11.03
CA PRO A 212 -19.30 -12.64 9.84
C PRO A 212 -20.02 -11.99 8.67
N THR A 213 -20.58 -10.79 8.82
CA THR A 213 -21.23 -10.11 7.70
C THR A 213 -20.62 -8.72 7.49
N THR A 214 -19.30 -8.67 7.36
CA THR A 214 -18.62 -7.44 6.95
C THR A 214 -18.51 -7.42 5.43
N GLY A 215 -19.48 -6.79 4.78
CA GLY A 215 -19.47 -6.64 3.33
C GLY A 215 -19.61 -7.94 2.59
N LEU A 216 -20.75 -8.59 2.74
CA LEU A 216 -20.97 -9.89 2.14
C LEU A 216 -22.17 -9.97 1.21
N ASP A 217 -22.53 -8.85 0.54
CA ASP A 217 -23.64 -8.77 -0.41
C ASP A 217 -24.94 -9.23 0.23
N SER A 218 -25.48 -8.44 1.16
CA SER A 218 -26.46 -8.80 2.18
C SER A 218 -27.64 -9.68 1.75
N SER A 219 -27.96 -9.67 0.45
CA SER A 219 -28.82 -10.71 -0.11
C SER A 219 -28.22 -12.10 0.04
N THR A 220 -26.89 -12.22 0.01
CA THR A 220 -26.22 -13.50 0.21
C THR A 220 -25.85 -13.75 1.65
N ALA A 221 -25.90 -12.73 2.52
CA ALA A 221 -25.46 -12.85 3.89
C ALA A 221 -26.33 -13.78 4.71
N ASN A 222 -27.63 -13.84 4.41
CA ASN A 222 -28.57 -14.57 5.24
C ASN A 222 -28.37 -16.07 5.14
N ALA A 223 -27.85 -16.54 4.00
CA ALA A 223 -27.75 -17.99 3.77
C ALA A 223 -26.73 -18.64 4.68
N VAL A 224 -25.62 -17.96 4.97
CA VAL A 224 -24.66 -18.54 5.89
C VAL A 224 -25.17 -18.44 7.32
N LEU A 225 -25.98 -17.43 7.62
CA LEU A 225 -26.50 -17.27 8.97
C LEU A 225 -27.62 -18.26 9.27
N LEU A 226 -28.38 -18.67 8.25
CA LEU A 226 -29.30 -19.78 8.45
C LEU A 226 -28.54 -21.09 8.62
N LEU A 227 -27.38 -21.22 7.96
CA LEU A 227 -26.58 -22.42 8.09
C LEU A 227 -26.04 -22.58 9.50
N LEU A 228 -25.71 -21.48 10.16
CA LEU A 228 -25.33 -21.55 11.57
C LEU A 228 -26.51 -21.91 12.44
N LYS A 229 -27.70 -21.41 12.09
CA LYS A 229 -28.91 -21.91 12.73
C LYS A 229 -29.11 -23.38 12.41
N ARG A 230 -28.76 -23.79 11.19
CA ARG A 230 -28.77 -25.21 10.86
C ARG A 230 -27.61 -25.95 11.51
N MET A 231 -26.50 -25.26 11.79
CA MET A 231 -25.40 -25.92 12.47
C MET A 231 -25.68 -26.10 13.96
N SER A 232 -26.44 -25.19 14.55
CA SER A 232 -26.75 -25.26 15.98
C SER A 232 -27.72 -26.38 16.33
N LYS A 233 -28.34 -27.01 15.33
CA LYS A 233 -29.23 -28.14 15.56
C LYS A 233 -28.49 -29.37 16.08
N GLN A 234 -27.17 -29.45 15.86
CA GLN A 234 -26.36 -30.51 16.43
C GLN A 234 -25.91 -30.19 17.86
N GLY A 235 -25.96 -28.92 18.26
CA GLY A 235 -25.47 -28.49 19.55
C GLY A 235 -24.21 -27.66 19.52
N ARG A 236 -23.90 -27.03 18.39
CA ARG A 236 -22.70 -26.21 18.27
C ARG A 236 -22.97 -24.86 18.89
N THR A 237 -22.12 -24.45 19.83
CA THR A 237 -22.26 -23.16 20.47
C THR A 237 -21.66 -22.09 19.57
N ILE A 238 -22.52 -21.22 19.03
CA ILE A 238 -22.12 -20.23 18.04
C ILE A 238 -22.19 -18.86 18.68
N ILE A 239 -21.05 -18.33 19.05
CA ILE A 239 -20.93 -17.00 19.65
C ILE A 239 -20.25 -16.13 18.60
N PHE A 240 -20.98 -15.19 18.03
CA PHE A 240 -20.38 -14.28 17.06
C PHE A 240 -20.60 -12.83 17.49
N SER A 241 -19.89 -11.94 16.81
CA SER A 241 -20.02 -10.50 17.05
C SER A 241 -20.58 -9.91 15.76
N ILE A 242 -21.90 -9.98 15.60
CA ILE A 242 -22.50 -9.56 14.34
C ILE A 242 -22.56 -8.03 14.28
N HIS A 243 -22.33 -7.50 13.08
CA HIS A 243 -22.26 -6.07 12.84
C HIS A 243 -23.51 -5.65 12.09
N GLN A 244 -24.42 -4.98 12.79
CA GLN A 244 -25.67 -4.39 12.33
C GLN A 244 -26.57 -5.37 11.57
N PRO A 245 -27.20 -6.33 12.24
CA PRO A 245 -28.28 -7.08 11.57
C PRO A 245 -29.52 -6.22 11.52
N ARG A 246 -30.26 -6.31 10.41
CA ARG A 246 -31.36 -5.36 10.26
C ARG A 246 -32.61 -5.83 11.00
N TYR A 247 -33.29 -6.83 10.46
CA TYR A 247 -34.36 -7.50 11.19
C TYR A 247 -34.45 -8.99 10.95
N SER A 248 -33.92 -9.50 9.83
CA SER A 248 -34.25 -10.84 9.37
C SER A 248 -33.63 -11.90 10.25
N ILE A 249 -32.31 -11.88 10.42
CA ILE A 249 -31.65 -12.81 11.31
C ILE A 249 -31.83 -12.38 12.77
N PHE A 250 -32.27 -11.13 12.98
CA PHE A 250 -32.56 -10.62 14.32
C PHE A 250 -33.71 -11.37 14.98
N LYS A 251 -34.61 -11.97 14.19
CA LYS A 251 -35.63 -12.81 14.81
C LYS A 251 -35.11 -14.24 14.99
N LEU A 252 -34.06 -14.62 14.29
CA LEU A 252 -33.43 -15.92 14.53
C LEU A 252 -32.16 -15.74 15.35
N PHE A 253 -32.33 -15.21 16.55
CA PHE A 253 -31.28 -15.12 17.56
C PHE A 253 -31.72 -15.88 18.78
N ASP A 254 -30.86 -16.79 19.25
CA ASP A 254 -31.13 -17.54 20.46
C ASP A 254 -30.75 -16.78 21.71
N SER A 255 -29.61 -16.07 21.70
CA SER A 255 -29.20 -15.23 22.80
C SER A 255 -28.38 -14.08 22.24
N LEU A 256 -28.35 -12.98 22.96
CA LEU A 256 -27.61 -11.81 22.52
C LEU A 256 -27.09 -11.05 23.73
N THR A 257 -26.01 -10.31 23.50
CA THR A 257 -25.33 -9.56 24.56
C THR A 257 -24.77 -8.30 23.92
N LEU A 258 -25.42 -7.17 24.16
CA LEU A 258 -25.03 -5.92 23.53
C LEU A 258 -24.15 -5.11 24.49
N LEU A 259 -23.09 -4.54 23.94
CA LEU A 259 -22.09 -3.81 24.72
C LEU A 259 -21.88 -2.43 24.12
N ALA A 260 -21.40 -1.50 24.95
CA ALA A 260 -21.15 -0.14 24.48
C ALA A 260 -20.10 0.52 25.35
N SER A 261 -19.03 1.02 24.71
CA SER A 261 -17.89 1.73 25.33
C SER A 261 -17.30 0.95 26.51
N GLY A 262 -17.22 -0.36 26.36
CA GLY A 262 -16.73 -1.19 27.44
C GLY A 262 -17.72 -1.39 28.57
N ARG A 263 -19.00 -1.10 28.35
CA ARG A 263 -20.04 -1.28 29.35
C ARG A 263 -21.12 -2.20 28.80
N LEU A 264 -21.54 -3.16 29.62
CA LEU A 264 -22.63 -4.04 29.26
C LEU A 264 -23.94 -3.26 29.24
N MET A 265 -24.59 -3.23 28.07
CA MET A 265 -25.95 -2.73 28.03
C MET A 265 -26.95 -3.79 28.50
N PHE A 266 -26.93 -4.94 27.87
CA PHE A 266 -28.01 -5.92 28.05
C PHE A 266 -27.53 -7.28 27.56
N HIS A 267 -27.94 -8.33 28.28
CA HIS A 267 -27.76 -9.71 27.86
C HIS A 267 -29.12 -10.39 27.95
N GLY A 268 -29.50 -11.13 26.91
CA GLY A 268 -30.72 -11.88 26.93
C GLY A 268 -31.11 -12.33 25.54
N PRO A 269 -32.15 -13.16 25.44
CA PRO A 269 -32.65 -13.57 24.13
C PRO A 269 -33.32 -12.43 23.40
N ALA A 270 -33.42 -12.59 22.07
CA ALA A 270 -33.96 -11.54 21.22
C ALA A 270 -35.46 -11.34 21.42
N GLN A 271 -36.19 -12.39 21.82
CA GLN A 271 -37.62 -12.23 22.06
C GLN A 271 -37.87 -11.46 23.35
N GLU A 272 -36.89 -11.45 24.26
CA GLU A 272 -36.97 -10.69 25.50
C GLU A 272 -36.32 -9.32 25.37
N ALA A 273 -35.72 -9.01 24.23
CA ALA A 273 -35.06 -7.73 24.05
C ALA A 273 -36.04 -6.63 23.70
N LEU A 274 -37.10 -6.95 22.96
CA LEU A 274 -38.05 -5.94 22.51
C LEU A 274 -38.87 -5.40 23.67
N GLY A 275 -39.23 -6.26 24.61
CA GLY A 275 -39.91 -5.80 25.79
C GLY A 275 -39.02 -5.19 26.85
N TYR A 276 -37.72 -5.04 26.59
CA TYR A 276 -36.83 -4.48 27.59
C TYR A 276 -36.87 -2.96 27.59
N PHE A 277 -36.48 -2.35 26.47
CA PHE A 277 -36.30 -0.90 26.44
C PHE A 277 -37.61 -0.13 26.48
N GLU A 278 -38.73 -0.77 26.15
CA GLU A 278 -40.02 -0.17 26.41
C GLU A 278 -40.30 -0.08 27.91
N SER A 279 -39.73 -0.99 28.70
CA SER A 279 -39.85 -0.98 30.15
C SER A 279 -38.63 -0.32 30.79
N ALA A 280 -37.80 0.36 30.00
CA ALA A 280 -36.61 1.00 30.50
C ALA A 280 -36.62 2.52 30.37
N GLY A 281 -37.34 3.08 29.40
CA GLY A 281 -37.50 4.52 29.31
C GLY A 281 -37.39 5.12 27.92
N TYR A 282 -36.80 4.45 26.93
CA TYR A 282 -36.72 5.00 25.58
C TYR A 282 -37.55 4.09 24.67
N HIS A 283 -38.54 4.67 24.01
CA HIS A 283 -39.53 3.90 23.27
C HIS A 283 -39.09 3.67 21.83
N CYS A 284 -39.41 2.49 21.30
CA CYS A 284 -39.12 2.14 19.92
C CYS A 284 -40.45 1.81 19.24
N GLU A 285 -41.00 2.78 18.51
CA GLU A 285 -42.30 2.63 17.89
C GLU A 285 -42.15 1.95 16.52
N ALA A 286 -43.19 2.04 15.71
CA ALA A 286 -43.17 1.53 14.34
C ALA A 286 -42.18 2.32 13.49
N TYR A 287 -41.77 1.69 12.37
CA TYR A 287 -40.77 2.20 11.42
C TYR A 287 -39.44 2.56 12.11
N ASN A 288 -39.12 1.80 13.15
CA ASN A 288 -37.91 1.98 13.93
C ASN A 288 -37.31 0.60 14.11
N ASN A 289 -36.14 0.39 13.53
CA ASN A 289 -35.50 -0.93 13.57
C ASN A 289 -35.02 -1.22 14.98
N PRO A 290 -35.21 -2.46 15.48
CA PRO A 290 -34.83 -2.74 16.87
C PRO A 290 -33.33 -2.76 17.11
N ALA A 291 -32.57 -3.44 16.25
CA ALA A 291 -31.13 -3.55 16.47
C ALA A 291 -30.39 -2.24 16.24
N ASP A 292 -31.01 -1.28 15.57
CA ASP A 292 -30.42 0.03 15.39
C ASP A 292 -30.93 1.05 16.41
N PHE A 293 -32.07 0.80 17.04
CA PHE A 293 -32.51 1.67 18.13
C PHE A 293 -31.72 1.38 19.39
N PHE A 294 -31.23 0.15 19.53
CA PHE A 294 -30.56 -0.25 20.76
C PHE A 294 -29.19 0.42 20.89
N LEU A 295 -28.63 0.88 19.79
CA LEU A 295 -27.42 1.68 19.79
C LEU A 295 -27.73 3.18 19.72
N ASP A 296 -28.99 3.55 19.50
CA ASP A 296 -29.36 4.96 19.44
C ASP A 296 -29.32 5.63 20.81
N ILE A 297 -29.37 4.85 21.89
CA ILE A 297 -29.34 5.42 23.24
C ILE A 297 -27.97 6.01 23.55
N ILE A 298 -26.92 5.51 22.92
CA ILE A 298 -25.59 6.03 23.17
C ILE A 298 -25.20 7.07 22.12
N ASN A 299 -26.03 7.24 21.09
CA ASN A 299 -25.92 8.42 20.23
C ASN A 299 -26.54 9.65 20.88
N GLY A 300 -27.53 9.47 21.76
CA GLY A 300 -28.22 10.58 22.39
C GLY A 300 -29.32 11.14 21.52
N ASP A 301 -30.17 10.25 21.00
CA ASP A 301 -31.28 10.57 20.10
C ASP A 301 -30.86 11.38 18.87
N LEU A 328 -24.76 10.06 30.80
CA LEU A 328 -25.52 9.32 29.81
C LEU A 328 -24.85 7.99 29.49
N ILE A 329 -23.52 7.96 29.61
CA ILE A 329 -22.76 6.81 29.15
C ILE A 329 -22.85 5.64 30.11
N GLU A 330 -22.96 5.91 31.41
CA GLU A 330 -23.14 4.85 32.40
C GLU A 330 -24.56 4.83 32.95
N LYS A 331 -25.32 5.91 32.78
CA LYS A 331 -26.65 6.04 33.36
C LYS A 331 -27.66 5.08 32.73
N LEU A 332 -27.47 4.74 31.45
CA LEU A 332 -28.26 3.70 30.82
C LEU A 332 -27.86 2.32 31.32
N ALA A 333 -26.59 2.13 31.68
CA ALA A 333 -26.09 0.83 32.11
C ALA A 333 -26.44 0.49 33.55
N GLU A 334 -26.92 1.47 34.31
CA GLU A 334 -27.37 1.20 35.67
C GLU A 334 -28.73 0.51 35.70
N ILE A 335 -29.62 0.81 34.75
CA ILE A 335 -30.96 0.23 34.74
C ILE A 335 -30.93 -1.27 34.52
N TYR A 336 -29.90 -1.78 33.84
CA TYR A 336 -29.72 -3.22 33.72
C TYR A 336 -29.38 -3.88 35.03
N VAL A 337 -28.77 -3.16 35.97
CA VAL A 337 -28.42 -3.76 37.26
C VAL A 337 -29.67 -4.03 38.09
N ASN A 338 -30.60 -3.07 38.12
CA ASN A 338 -31.88 -3.24 38.77
C ASN A 338 -32.96 -3.60 37.75
N SER A 339 -32.60 -4.40 36.75
CA SER A 339 -33.55 -5.03 35.84
C SER A 339 -33.76 -6.48 36.22
N SER A 340 -34.81 -7.08 35.66
CA SER A 340 -35.18 -8.46 35.95
C SER A 340 -34.47 -9.46 35.03
N PHE A 341 -33.33 -9.08 34.46
CA PHE A 341 -32.48 -9.93 33.65
C PHE A 341 -31.16 -10.26 34.32
N TYR A 342 -30.53 -9.28 34.96
CA TYR A 342 -29.18 -9.47 35.47
C TYR A 342 -29.16 -10.21 36.80
N LYS A 343 -30.18 -10.02 37.65
CA LYS A 343 -30.16 -10.59 38.99
C LYS A 343 -30.25 -12.11 39.01
N GLU A 344 -31.03 -12.70 38.11
CA GLU A 344 -31.14 -14.14 38.05
C GLU A 344 -30.02 -14.79 37.27
N THR A 345 -29.26 -14.00 36.50
CA THR A 345 -28.02 -14.52 35.92
C THR A 345 -26.91 -14.54 36.95
N LYS A 346 -26.95 -13.63 37.92
CA LYS A 346 -26.00 -13.68 39.02
C LYS A 346 -26.27 -14.87 39.94
N ALA A 347 -27.54 -15.23 40.11
CA ALA A 347 -27.89 -16.37 40.96
C ALA A 347 -27.41 -17.69 40.36
N GLU A 348 -27.49 -17.83 39.04
CA GLU A 348 -26.94 -19.03 38.43
C GLU A 348 -25.43 -18.93 38.26
N LEU A 349 -24.88 -17.71 38.18
CA LEU A 349 -23.43 -17.58 38.19
C LEU A 349 -22.84 -17.91 39.55
N HIS A 350 -23.55 -17.58 40.62
CA HIS A 350 -23.08 -17.88 41.96
C HIS A 350 -23.17 -19.36 42.30
N GLN A 351 -24.05 -20.10 41.63
CA GLN A 351 -24.15 -21.54 41.90
C GLN A 351 -23.19 -22.35 41.04
N LEU A 352 -22.70 -21.79 39.93
CA LEU A 352 -21.60 -22.43 39.21
C LEU A 352 -20.25 -21.90 39.64
N SER A 353 -20.20 -20.94 40.55
CA SER A 353 -18.93 -20.43 41.04
C SER A 353 -18.28 -21.40 42.03
N GLY A 354 -19.05 -21.92 42.97
CA GLY A 354 -18.53 -22.84 43.96
C GLY A 354 -18.47 -24.29 43.46
N TYR A 369 3.33 -30.87 18.44
CA TYR A 369 2.16 -30.83 19.28
C TYR A 369 1.41 -32.15 19.23
N THR A 370 0.29 -32.16 18.51
CA THR A 370 -0.48 -33.38 18.33
C THR A 370 -0.06 -34.16 17.09
N THR A 371 0.66 -33.53 16.16
CA THR A 371 1.09 -34.17 14.93
C THR A 371 2.61 -34.18 14.91
N SER A 372 3.18 -35.17 14.22
CA SER A 372 4.62 -35.32 14.18
C SER A 372 5.27 -34.19 13.40
N PHE A 373 6.59 -34.06 13.62
CA PHE A 373 7.37 -33.00 13.00
C PHE A 373 7.41 -33.13 11.49
N CYS A 374 7.86 -34.29 10.98
CA CYS A 374 7.98 -34.49 9.54
C CYS A 374 6.63 -34.54 8.85
N HIS A 375 5.57 -34.88 9.59
CA HIS A 375 4.24 -34.75 9.03
C HIS A 375 3.84 -33.28 8.94
N GLN A 376 4.32 -32.45 9.85
CA GLN A 376 4.01 -31.03 9.78
C GLN A 376 4.85 -30.35 8.72
N LEU A 377 6.12 -30.77 8.57
CA LEU A 377 7.03 -30.10 7.65
C LEU A 377 6.63 -30.32 6.21
N ARG A 378 6.03 -31.47 5.91
CA ARG A 378 5.63 -31.74 4.53
C ARG A 378 4.46 -30.85 4.13
N TRP A 379 3.45 -30.77 4.99
CA TRP A 379 2.16 -30.23 4.56
C TRP A 379 2.20 -28.72 4.38
N VAL A 380 2.94 -28.02 5.26
CA VAL A 380 3.02 -26.57 5.11
C VAL A 380 3.91 -26.23 3.92
N SER A 381 4.88 -27.09 3.61
CA SER A 381 5.69 -26.89 2.43
C SER A 381 4.90 -27.23 1.17
N LYS A 382 3.90 -28.10 1.30
CA LYS A 382 3.04 -28.38 0.16
C LYS A 382 2.14 -27.20 -0.15
N ARG A 383 1.80 -26.40 0.87
CA ARG A 383 0.81 -25.35 0.67
C ARG A 383 1.40 -24.17 -0.09
N SER A 384 2.56 -23.67 0.37
CA SER A 384 3.13 -22.48 -0.24
C SER A 384 3.70 -22.79 -1.61
N PHE A 385 4.20 -24.01 -1.81
CA PHE A 385 4.65 -24.45 -3.12
C PHE A 385 3.49 -24.47 -4.10
N LYS A 386 2.33 -24.96 -3.64
CA LYS A 386 1.13 -24.90 -4.46
C LYS A 386 0.65 -23.47 -4.59
N ASN A 387 0.92 -22.64 -3.59
CA ASN A 387 0.55 -21.24 -3.66
C ASN A 387 1.45 -20.49 -4.62
N LEU A 388 2.69 -20.98 -4.78
CA LEU A 388 3.66 -20.28 -5.62
C LEU A 388 3.31 -20.44 -7.10
N LEU A 389 3.13 -21.68 -7.54
CA LEU A 389 2.76 -21.97 -8.92
C LEU A 389 1.25 -22.07 -9.10
N GLY A 390 0.49 -21.68 -8.09
CA GLY A 390 -0.94 -21.46 -8.27
C GLY A 390 -1.14 -20.05 -8.75
N ASN A 391 -0.28 -19.15 -8.29
CA ASN A 391 -0.23 -17.79 -8.80
C ASN A 391 1.18 -17.52 -9.32
N PRO A 392 1.51 -17.96 -10.53
CA PRO A 392 2.84 -17.68 -11.08
C PRO A 392 2.86 -16.38 -11.88
N GLN A 393 2.40 -15.31 -11.25
CA GLN A 393 2.44 -13.98 -11.85
C GLN A 393 3.64 -13.19 -11.36
N ALA A 394 4.05 -13.41 -10.12
CA ALA A 394 5.22 -12.78 -9.55
C ALA A 394 6.42 -13.72 -9.48
N SER A 395 6.20 -15.03 -9.61
CA SER A 395 7.32 -15.96 -9.68
C SER A 395 7.98 -15.92 -11.05
N ILE A 396 7.19 -16.03 -12.12
CA ILE A 396 7.73 -16.00 -13.47
C ILE A 396 8.14 -14.58 -13.86
N ALA A 397 7.69 -13.58 -13.12
CA ALA A 397 8.16 -12.22 -13.35
C ALA A 397 9.64 -12.09 -13.01
N GLN A 398 10.08 -12.75 -11.93
CA GLN A 398 11.48 -12.73 -11.57
C GLN A 398 12.35 -13.54 -12.52
N ILE A 399 11.79 -14.61 -13.12
CA ILE A 399 12.58 -15.45 -14.01
C ILE A 399 12.88 -14.72 -15.31
N ILE A 400 11.86 -14.05 -15.87
CA ILE A 400 12.01 -13.36 -17.14
C ILE A 400 12.94 -12.17 -17.03
N VAL A 401 12.85 -11.40 -15.94
CA VAL A 401 13.75 -10.27 -15.76
C VAL A 401 15.15 -10.77 -15.45
N THR A 402 15.29 -12.02 -15.00
CA THR A 402 16.62 -12.59 -14.85
C THR A 402 17.19 -13.02 -16.20
N VAL A 403 16.38 -13.69 -17.03
CA VAL A 403 16.87 -14.22 -18.29
C VAL A 403 17.15 -13.09 -19.26
N VAL A 404 16.32 -12.03 -19.22
CA VAL A 404 16.60 -10.85 -20.02
C VAL A 404 17.77 -10.06 -19.48
N LEU A 405 18.02 -10.11 -18.17
CA LEU A 405 19.21 -9.45 -17.65
C LEU A 405 20.47 -10.17 -18.09
N GLY A 406 20.47 -11.50 -17.98
CA GLY A 406 21.61 -12.29 -18.39
C GLY A 406 21.92 -12.20 -19.87
N LEU A 407 20.91 -12.07 -20.71
CA LEU A 407 21.16 -11.88 -22.13
C LEU A 407 21.72 -10.49 -22.40
N VAL A 408 21.26 -9.50 -21.65
CA VAL A 408 21.73 -8.13 -21.85
C VAL A 408 23.17 -8.00 -21.40
N ILE A 409 23.50 -8.56 -20.23
CA ILE A 409 24.89 -8.62 -19.77
C ILE A 409 25.73 -9.43 -20.75
N GLY A 410 25.16 -10.51 -21.28
CA GLY A 410 25.86 -11.28 -22.30
C GLY A 410 26.02 -10.53 -23.60
N ALA A 411 25.04 -9.71 -23.96
CA ALA A 411 25.17 -8.92 -25.18
C ALA A 411 26.12 -7.75 -24.99
N ILE A 412 26.18 -7.20 -23.78
CA ILE A 412 27.13 -6.12 -23.52
C ILE A 412 28.55 -6.66 -23.53
N TYR A 413 28.83 -7.61 -22.65
CA TYR A 413 30.19 -8.13 -22.57
C TYR A 413 30.37 -9.36 -23.45
N PHE A 414 29.97 -9.24 -24.72
CA PHE A 414 30.07 -10.38 -25.63
C PHE A 414 31.52 -10.59 -26.02
N GLY A 415 32.26 -11.29 -25.17
CA GLY A 415 33.67 -11.49 -25.39
C GLY A 415 34.42 -10.42 -24.65
N LEU A 416 35.03 -10.78 -23.54
CA LEU A 416 35.79 -9.83 -22.74
C LEU A 416 37.26 -10.07 -23.02
N LYS A 417 37.96 -9.01 -23.40
CA LYS A 417 39.32 -9.17 -23.88
C LYS A 417 40.29 -9.09 -22.71
N ASN A 418 41.47 -9.67 -22.89
CA ASN A 418 42.53 -9.60 -21.90
C ASN A 418 43.49 -8.44 -22.13
N ASP A 419 42.97 -7.34 -22.69
CA ASP A 419 43.74 -6.12 -22.91
C ASP A 419 43.83 -5.35 -21.59
N SER A 420 44.21 -4.08 -21.68
CA SER A 420 44.19 -3.21 -20.50
C SER A 420 42.77 -2.95 -20.02
N THR A 421 41.80 -3.07 -20.91
CA THR A 421 40.39 -2.92 -20.55
C THR A 421 39.76 -4.25 -20.18
N GLY A 422 40.46 -5.03 -19.37
CA GLY A 422 39.88 -6.25 -18.86
C GLY A 422 39.50 -6.10 -17.41
N ILE A 423 40.40 -5.47 -16.64
CA ILE A 423 40.25 -5.37 -15.19
C ILE A 423 39.05 -4.52 -14.85
N GLN A 424 38.88 -3.41 -15.56
CA GLN A 424 37.70 -2.58 -15.37
C GLN A 424 36.45 -3.28 -15.90
N ASN A 425 36.63 -4.20 -16.85
CA ASN A 425 35.52 -4.91 -17.44
C ASN A 425 35.10 -6.14 -16.66
N ARG A 426 36.03 -6.98 -16.19
CA ARG A 426 35.59 -8.20 -15.55
C ARG A 426 35.29 -8.00 -14.08
N ALA A 427 35.95 -7.05 -13.42
CA ALA A 427 35.54 -6.72 -12.06
C ALA A 427 34.25 -5.91 -12.05
N GLY A 428 33.93 -5.24 -13.15
CA GLY A 428 32.69 -4.52 -13.25
C GLY A 428 31.50 -5.44 -13.28
N VAL A 429 31.53 -6.45 -14.16
CA VAL A 429 30.39 -7.35 -14.27
C VAL A 429 30.27 -8.23 -13.03
N LEU A 430 31.41 -8.65 -12.47
CA LEU A 430 31.36 -9.49 -11.30
C LEU A 430 31.04 -8.70 -10.05
N PHE A 431 31.23 -7.39 -10.09
CA PHE A 431 30.55 -6.56 -9.11
C PHE A 431 29.05 -6.59 -9.29
N PHE A 432 28.59 -6.51 -10.53
CA PHE A 432 27.18 -6.26 -10.79
C PHE A 432 26.34 -7.48 -10.45
N LEU A 433 26.88 -8.68 -10.65
CA LEU A 433 26.06 -9.87 -10.46
C LEU A 433 25.81 -10.14 -8.99
N THR A 434 26.75 -9.76 -8.13
CA THR A 434 26.51 -9.91 -6.70
C THR A 434 25.54 -8.86 -6.20
N THR A 435 25.81 -7.59 -6.50
CA THR A 435 24.97 -6.54 -5.96
C THR A 435 23.60 -6.48 -6.62
N ASN A 436 23.42 -7.15 -7.77
CA ASN A 436 22.07 -7.44 -8.21
C ASN A 436 21.42 -8.43 -7.26
N GLN A 437 22.09 -9.55 -7.02
CA GLN A 437 21.53 -10.60 -6.18
C GLN A 437 21.34 -10.15 -4.74
N CYS A 438 22.19 -9.24 -4.27
CA CYS A 438 21.96 -8.65 -2.96
C CYS A 438 20.76 -7.71 -2.98
N PHE A 439 20.51 -7.06 -4.10
CA PHE A 439 19.42 -6.11 -4.15
C PHE A 439 18.13 -6.71 -4.67
N SER A 440 18.22 -7.72 -5.54
CA SER A 440 17.01 -8.31 -6.09
C SER A 440 16.29 -9.20 -5.08
N SER A 441 16.93 -9.43 -3.94
CA SER A 441 16.27 -10.00 -2.78
C SER A 441 15.59 -8.96 -1.92
N VAL A 442 15.30 -7.77 -2.45
CA VAL A 442 14.35 -6.87 -1.80
C VAL A 442 12.96 -7.49 -1.73
N SER A 443 12.60 -8.33 -2.69
CA SER A 443 11.30 -8.99 -2.73
C SER A 443 11.29 -10.28 -1.94
N ALA A 444 12.20 -10.47 -1.01
CA ALA A 444 12.08 -11.56 -0.06
C ALA A 444 11.42 -11.12 1.23
N VAL A 445 11.11 -9.84 1.37
CA VAL A 445 10.48 -9.36 2.60
C VAL A 445 9.01 -9.73 2.61
N GLU A 446 8.45 -10.01 1.43
CA GLU A 446 7.05 -10.38 1.29
C GLU A 446 6.85 -11.88 1.48
N LEU A 447 7.46 -12.45 2.51
CA LEU A 447 7.40 -13.87 2.74
C LEU A 447 6.68 -14.21 4.03
N PHE A 448 6.83 -13.38 5.05
CA PHE A 448 6.16 -13.59 6.32
C PHE A 448 5.16 -12.49 6.64
N VAL A 449 5.00 -11.50 5.76
CA VAL A 449 4.15 -10.36 6.05
C VAL A 449 2.91 -10.30 5.16
N VAL A 450 2.90 -10.97 4.02
CA VAL A 450 1.67 -11.00 3.23
C VAL A 450 0.74 -12.08 3.76
N GLU A 451 1.23 -12.91 4.67
CA GLU A 451 0.44 -13.96 5.28
C GLU A 451 0.72 -13.99 6.78
N LYS A 452 0.84 -12.81 7.39
CA LYS A 452 1.11 -12.75 8.82
C LYS A 452 -0.12 -13.13 9.62
N LYS A 453 -1.28 -12.65 9.20
CA LYS A 453 -2.52 -13.07 9.84
C LYS A 453 -2.85 -14.51 9.48
N LEU A 454 -2.30 -14.99 8.37
CA LEU A 454 -2.31 -16.42 8.10
C LEU A 454 -1.34 -17.17 9.00
N PHE A 455 -0.42 -16.49 9.65
CA PHE A 455 0.47 -17.19 10.55
C PHE A 455 0.03 -17.12 11.99
N ILE A 456 -0.47 -15.96 12.44
CA ILE A 456 -0.89 -15.81 13.83
C ILE A 456 -2.12 -16.67 14.09
N HIS A 457 -3.04 -16.72 13.14
CA HIS A 457 -4.26 -17.50 13.33
C HIS A 457 -3.96 -18.99 13.29
N GLU A 458 -3.07 -19.43 12.41
CA GLU A 458 -2.80 -20.85 12.32
C GLU A 458 -1.84 -21.35 13.38
N TYR A 459 -1.04 -20.47 13.99
CA TYR A 459 -0.22 -20.93 15.08
C TYR A 459 -1.02 -21.05 16.36
N ILE A 460 -1.80 -20.03 16.69
CA ILE A 460 -2.49 -20.02 17.97
C ILE A 460 -3.64 -21.01 17.97
N SER A 461 -4.13 -21.43 16.80
CA SER A 461 -5.20 -22.42 16.79
C SER A 461 -4.67 -23.82 17.03
N GLY A 462 -3.37 -24.02 16.91
CA GLY A 462 -2.74 -25.27 17.23
C GLY A 462 -2.36 -26.15 16.06
N TYR A 463 -2.12 -25.56 14.88
CA TYR A 463 -1.84 -26.37 13.71
C TYR A 463 -0.43 -26.94 13.75
N TYR A 464 0.53 -26.13 14.18
CA TYR A 464 1.92 -26.55 14.16
C TYR A 464 2.74 -25.68 15.11
N ARG A 465 3.94 -26.16 15.41
CA ARG A 465 4.90 -25.32 16.11
C ARG A 465 5.53 -24.34 15.12
N VAL A 466 6.27 -23.37 15.67
CA VAL A 466 6.77 -22.28 14.84
C VAL A 466 7.92 -22.75 13.96
N SER A 467 8.79 -23.61 14.49
CA SER A 467 9.95 -24.05 13.73
C SER A 467 9.57 -24.95 12.58
N SER A 468 8.40 -25.56 12.64
CA SER A 468 7.85 -26.27 11.51
C SER A 468 7.39 -25.34 10.40
N TYR A 469 6.72 -24.24 10.76
CA TYR A 469 6.34 -23.25 9.76
C TYR A 469 7.55 -22.58 9.14
N PHE A 470 8.55 -22.30 9.96
CA PHE A 470 9.70 -21.55 9.49
C PHE A 470 10.60 -22.42 8.64
N LEU A 471 10.74 -23.69 8.98
CA LEU A 471 11.52 -24.57 8.12
C LEU A 471 10.70 -24.98 6.92
N GLY A 472 9.37 -24.90 7.03
CA GLY A 472 8.53 -25.27 5.92
C GLY A 472 8.59 -24.28 4.78
N LYS A 473 8.50 -22.99 5.07
CA LYS A 473 8.44 -22.01 4.01
C LYS A 473 9.79 -21.74 3.36
N LEU A 474 10.88 -21.96 4.09
CA LEU A 474 12.20 -21.65 3.54
C LEU A 474 12.57 -22.61 2.42
N LEU A 475 12.34 -23.91 2.60
CA LEU A 475 12.60 -24.87 1.55
C LEU A 475 11.45 -25.01 0.58
N SER A 476 10.54 -24.04 0.55
CA SER A 476 9.44 -24.08 -0.40
C SER A 476 9.32 -22.78 -1.18
N ASP A 477 9.71 -21.65 -0.57
CA ASP A 477 9.51 -20.36 -1.22
C ASP A 477 10.70 -19.45 -0.98
N LEU A 478 11.79 -20.02 -0.46
CA LEU A 478 13.04 -19.27 -0.46
C LEU A 478 14.13 -20.11 -1.09
N LEU A 479 14.12 -21.40 -0.82
CA LEU A 479 15.15 -22.26 -1.39
C LEU A 479 14.92 -22.53 -2.88
N PRO A 480 13.73 -23.00 -3.38
CA PRO A 480 13.66 -23.26 -4.82
C PRO A 480 13.40 -22.00 -5.62
N MET A 481 13.00 -20.92 -4.95
CA MET A 481 12.78 -19.66 -5.63
C MET A 481 14.09 -18.93 -5.87
N ARG A 482 14.92 -18.76 -4.83
CA ARG A 482 16.18 -18.05 -4.96
C ARG A 482 17.33 -18.96 -5.36
N MET A 483 17.04 -20.13 -5.91
CA MET A 483 18.07 -20.97 -6.52
C MET A 483 18.07 -20.77 -8.02
N LEU A 484 17.03 -20.14 -8.54
CA LEU A 484 17.02 -19.85 -9.96
C LEU A 484 16.90 -18.37 -10.31
N PRO A 485 17.56 -17.43 -9.61
CA PRO A 485 18.20 -16.34 -10.33
C PRO A 485 19.69 -16.60 -10.41
N SER A 486 20.10 -17.81 -10.03
CA SER A 486 21.53 -18.07 -9.93
C SER A 486 21.99 -19.09 -10.95
N ILE A 487 21.38 -20.28 -10.97
CA ILE A 487 21.81 -21.30 -11.92
C ILE A 487 21.22 -21.02 -13.29
N ILE A 488 20.24 -20.12 -13.35
CA ILE A 488 19.79 -19.63 -14.64
C ILE A 488 20.70 -18.49 -15.08
N PHE A 489 21.48 -17.94 -14.15
CA PHE A 489 22.24 -16.74 -14.46
C PHE A 489 23.58 -17.09 -15.09
N THR A 490 24.32 -18.01 -14.46
CA THR A 490 25.67 -18.32 -14.88
C THR A 490 25.70 -18.97 -16.25
N CYS A 491 24.74 -19.87 -16.50
CA CYS A 491 24.74 -20.60 -17.77
C CYS A 491 24.44 -19.68 -18.95
N ILE A 492 23.75 -18.58 -18.71
CA ILE A 492 23.48 -17.67 -19.81
C ILE A 492 24.56 -16.59 -19.88
N VAL A 493 25.34 -16.42 -18.81
CA VAL A 493 26.33 -15.34 -18.81
C VAL A 493 27.77 -15.84 -18.95
N TYR A 494 28.08 -17.06 -18.50
CA TYR A 494 29.47 -17.47 -18.48
C TYR A 494 29.91 -17.95 -19.87
N PHE A 495 28.97 -18.41 -20.68
CA PHE A 495 29.27 -18.85 -22.02
C PHE A 495 29.25 -17.70 -23.03
N MET A 496 28.58 -16.61 -22.70
CA MET A 496 28.58 -15.43 -23.56
C MET A 496 29.75 -14.51 -23.28
N LEU A 497 30.48 -14.73 -22.19
CA LEU A 497 31.75 -14.07 -21.94
C LEU A 497 32.94 -14.99 -22.05
N GLY A 498 32.87 -16.20 -21.50
CA GLY A 498 34.06 -16.99 -21.33
C GLY A 498 34.91 -16.36 -20.24
N LEU A 499 34.40 -16.41 -19.01
CA LEU A 499 35.12 -15.83 -17.88
C LEU A 499 36.42 -16.59 -17.62
N LYS A 500 36.31 -17.85 -17.23
CA LYS A 500 37.44 -18.69 -16.93
C LYS A 500 37.12 -20.06 -17.51
N PRO A 501 37.79 -20.46 -18.60
CA PRO A 501 37.35 -21.65 -19.34
C PRO A 501 37.62 -22.96 -18.62
N LYS A 502 36.88 -23.19 -17.54
CA LYS A 502 36.97 -24.42 -16.78
C LYS A 502 35.58 -24.98 -16.52
N ALA A 503 35.49 -25.99 -15.66
CA ALA A 503 34.23 -26.46 -15.16
C ALA A 503 34.11 -26.34 -13.65
N ASP A 504 35.22 -26.29 -12.93
CA ASP A 504 35.17 -26.02 -11.49
C ASP A 504 34.83 -24.55 -11.25
N ALA A 505 35.39 -23.66 -12.06
CA ALA A 505 35.13 -22.23 -11.91
C ALA A 505 33.71 -21.89 -12.35
N PHE A 506 33.15 -22.68 -13.25
CA PHE A 506 31.74 -22.57 -13.59
C PHE A 506 30.91 -23.07 -12.43
N PHE A 507 31.43 -24.05 -11.69
CA PHE A 507 30.69 -24.64 -10.59
C PHE A 507 30.95 -23.97 -9.26
N VAL A 508 32.03 -23.20 -9.12
CA VAL A 508 32.15 -22.42 -7.89
C VAL A 508 31.42 -21.09 -8.00
N MET A 509 31.31 -20.52 -9.20
CA MET A 509 30.60 -19.26 -9.39
C MET A 509 29.10 -19.46 -9.27
N MET A 510 28.60 -20.55 -9.82
CA MET A 510 27.21 -20.94 -9.62
C MET A 510 26.91 -21.21 -8.15
N PHE A 511 27.90 -21.69 -7.41
CA PHE A 511 27.66 -21.96 -5.99
C PHE A 511 27.56 -20.66 -5.20
N THR A 512 28.48 -19.73 -5.44
CA THR A 512 28.51 -18.56 -4.58
C THR A 512 27.42 -17.56 -4.91
N LEU A 513 26.94 -17.53 -6.16
CA LEU A 513 25.87 -16.61 -6.50
C LEU A 513 24.56 -17.01 -5.85
N MET A 514 24.31 -18.31 -5.71
CA MET A 514 23.19 -18.74 -4.90
C MET A 514 23.49 -18.61 -3.41
N MET A 515 24.75 -18.46 -3.03
CA MET A 515 25.07 -18.30 -1.63
C MET A 515 24.85 -16.88 -1.15
N VAL A 516 25.17 -15.89 -2.00
CA VAL A 516 24.82 -14.51 -1.68
C VAL A 516 23.31 -14.35 -1.66
N ALA A 517 22.62 -14.98 -2.61
CA ALA A 517 21.19 -14.79 -2.73
C ALA A 517 20.45 -15.41 -1.56
N TYR A 518 20.99 -16.49 -1.01
CA TYR A 518 20.37 -17.04 0.20
C TYR A 518 20.69 -16.19 1.40
N SER A 519 21.81 -15.48 1.37
CA SER A 519 22.19 -14.63 2.50
C SER A 519 21.34 -13.37 2.54
N ALA A 520 21.42 -12.55 1.48
CA ALA A 520 20.80 -11.24 1.51
C ALA A 520 19.28 -11.31 1.46
N SER A 521 18.72 -12.43 1.01
CA SER A 521 17.30 -12.65 1.23
C SER A 521 17.01 -12.81 2.71
N SER A 522 17.78 -13.66 3.38
CA SER A 522 17.60 -13.89 4.81
C SER A 522 17.92 -12.66 5.62
N MET A 523 18.89 -11.85 5.19
CA MET A 523 19.12 -10.53 5.78
C MET A 523 17.90 -9.65 5.62
N ALA A 524 17.30 -9.67 4.43
CA ALA A 524 16.05 -8.96 4.23
C ALA A 524 14.91 -9.67 4.93
N LEU A 525 15.04 -10.99 5.15
CA LEU A 525 14.01 -11.68 5.90
C LEU A 525 14.14 -11.43 7.39
N ALA A 526 15.36 -11.14 7.85
CA ALA A 526 15.58 -10.97 9.28
C ALA A 526 14.93 -9.72 9.81
N ILE A 527 15.02 -8.62 9.06
CA ILE A 527 14.51 -7.36 9.57
C ILE A 527 13.12 -7.10 9.00
N ALA A 528 12.48 -8.14 8.50
CA ALA A 528 11.11 -8.00 8.03
C ALA A 528 10.17 -9.06 8.57
N ALA A 529 10.68 -10.16 9.11
CA ALA A 529 9.82 -11.16 9.72
C ALA A 529 9.23 -10.63 11.01
N GLY A 530 7.94 -10.83 11.18
CA GLY A 530 7.29 -10.32 12.37
C GLY A 530 7.00 -8.84 12.34
N GLN A 531 6.68 -8.30 11.17
CA GLN A 531 6.14 -6.95 11.07
C GLN A 531 4.85 -7.00 10.27
N SER A 532 4.12 -5.89 10.31
CA SER A 532 2.80 -5.82 9.70
C SER A 532 2.84 -5.17 8.32
N VAL A 533 3.68 -4.19 8.12
CA VAL A 533 3.75 -3.45 6.86
C VAL A 533 5.16 -3.58 6.31
N VAL A 534 5.28 -3.47 4.99
CA VAL A 534 6.55 -3.67 4.31
C VAL A 534 7.27 -2.33 4.18
N SER A 535 6.64 -1.27 4.71
CA SER A 535 7.04 0.09 4.39
C SER A 535 8.40 0.43 5.01
N VAL A 536 8.51 0.35 6.33
CA VAL A 536 9.80 0.61 6.95
C VAL A 536 10.74 -0.57 6.79
N ALA A 537 10.24 -1.74 6.40
CA ALA A 537 11.11 -2.88 6.17
C ALA A 537 11.90 -2.73 4.88
N THR A 538 11.34 -2.06 3.88
CA THR A 538 12.07 -1.81 2.64
C THR A 538 13.01 -0.62 2.76
N LEU A 539 12.60 0.43 3.47
CA LEU A 539 13.42 1.62 3.62
C LEU A 539 14.64 1.33 4.49
N LEU A 540 14.50 0.51 5.52
CA LEU A 540 15.63 0.21 6.40
C LEU A 540 16.62 -0.72 5.71
N MET A 541 16.12 -1.66 4.92
CA MET A 541 17.00 -2.64 4.30
C MET A 541 17.76 -2.03 3.12
N THR A 542 17.08 -1.20 2.33
CA THR A 542 17.71 -0.66 1.14
C THR A 542 18.81 0.34 1.49
N ILE A 543 18.62 1.13 2.55
CA ILE A 543 19.71 1.97 3.01
C ILE A 543 20.77 1.17 3.74
N CYS A 544 20.48 -0.07 4.12
CA CYS A 544 21.51 -0.93 4.68
C CYS A 544 22.32 -1.61 3.59
N PHE A 545 21.74 -1.86 2.43
CA PHE A 545 22.44 -2.47 1.30
C PHE A 545 23.17 -1.44 0.44
N VAL A 546 23.20 -0.19 0.86
CA VAL A 546 24.08 0.81 0.27
C VAL A 546 25.44 0.81 0.95
N PHE A 547 25.45 0.70 2.28
CA PHE A 547 26.72 0.63 3.01
C PHE A 547 27.42 -0.68 2.74
N MET A 548 26.67 -1.72 2.40
CA MET A 548 27.27 -2.95 1.91
C MET A 548 27.76 -2.80 0.49
N MET A 549 27.11 -1.92 -0.28
CA MET A 549 27.53 -1.71 -1.66
C MET A 549 28.86 -0.96 -1.72
N ILE A 550 29.08 -0.04 -0.78
CA ILE A 550 30.32 0.74 -0.75
C ILE A 550 31.50 -0.15 -0.41
N PHE A 551 31.47 -0.76 0.78
CA PHE A 551 32.52 -1.68 1.17
C PHE A 551 32.39 -2.97 0.40
N SER A 552 32.82 -2.99 -0.84
CA SER A 552 32.68 -4.20 -1.62
C SER A 552 33.89 -4.47 -2.50
N GLY A 553 35.03 -3.86 -2.24
CA GLY A 553 36.20 -4.12 -3.03
C GLY A 553 36.23 -3.48 -4.39
N LEU A 554 35.25 -2.65 -4.73
CA LEU A 554 35.25 -1.93 -6.00
C LEU A 554 35.34 -0.43 -5.82
N LEU A 555 34.42 0.17 -5.07
CA LEU A 555 34.37 1.61 -4.97
C LEU A 555 35.26 2.17 -3.88
N VAL A 556 36.06 1.35 -3.21
CA VAL A 556 36.81 1.81 -2.06
C VAL A 556 38.30 1.54 -2.21
N ASN A 557 38.64 0.32 -2.62
CA ASN A 557 39.94 -0.29 -2.39
C ASN A 557 40.26 -0.32 -0.90
N LEU A 558 39.53 -1.21 -0.22
CA LEU A 558 39.47 -1.44 1.22
C LEU A 558 40.80 -1.40 1.97
N THR A 559 41.87 -1.78 1.30
CA THR A 559 43.20 -1.72 1.90
C THR A 559 43.66 -0.30 2.19
N THR A 560 43.04 0.71 1.59
CA THR A 560 43.53 2.07 1.73
C THR A 560 42.78 2.90 2.76
N ILE A 561 41.62 2.45 3.24
CA ILE A 561 40.94 3.22 4.27
C ILE A 561 41.54 2.89 5.62
N ALA A 562 41.32 3.77 6.59
CA ALA A 562 41.95 3.61 7.89
C ALA A 562 41.27 2.50 8.68
N SER A 563 42.05 1.88 9.56
CA SER A 563 41.59 0.68 10.25
C SER A 563 40.58 0.97 11.34
N TRP A 564 40.31 2.22 11.66
CA TRP A 564 39.23 2.52 12.60
C TRP A 564 37.86 2.41 11.95
N LEU A 565 37.80 2.32 10.62
CA LEU A 565 36.54 2.13 9.92
C LEU A 565 36.60 0.95 8.97
N SER A 566 37.79 0.44 8.65
CA SER A 566 37.91 -0.70 7.74
C SER A 566 37.46 -2.01 8.38
N TRP A 567 37.13 -2.03 9.66
CA TRP A 567 36.48 -3.18 10.26
C TRP A 567 35.08 -3.38 9.72
N LEU A 568 34.46 -2.33 9.20
CA LEU A 568 33.14 -2.41 8.60
C LEU A 568 33.11 -3.14 7.27
N GLN A 569 34.26 -3.56 6.74
CA GLN A 569 34.23 -4.37 5.54
C GLN A 569 33.70 -5.77 5.78
N TYR A 570 33.71 -6.23 7.03
CA TYR A 570 33.19 -7.56 7.31
C TYR A 570 31.69 -7.57 7.50
N PHE A 571 31.09 -6.41 7.73
CA PHE A 571 29.65 -6.33 7.95
C PHE A 571 28.96 -5.98 6.63
N SER A 572 29.32 -6.72 5.58
CA SER A 572 28.82 -6.39 4.26
C SER A 572 28.70 -7.69 3.47
N ILE A 573 27.51 -7.97 2.97
CA ILE A 573 27.28 -9.22 2.26
C ILE A 573 28.05 -9.33 0.94
N PRO A 574 27.91 -8.43 -0.04
CA PRO A 574 28.49 -8.74 -1.36
C PRO A 574 29.99 -8.58 -1.44
N ARG A 575 30.66 -8.11 -0.39
CA ARG A 575 32.13 -8.18 -0.40
C ARG A 575 32.59 -9.62 -0.41
N TYR A 576 31.97 -10.46 0.42
CA TYR A 576 32.20 -11.89 0.38
C TYR A 576 31.81 -12.47 -0.96
N GLY A 577 30.81 -11.90 -1.61
CA GLY A 577 30.50 -12.28 -2.96
C GLY A 577 31.61 -11.87 -3.89
N PHE A 578 31.94 -10.57 -3.88
CA PHE A 578 32.83 -10.03 -4.89
C PHE A 578 34.24 -10.56 -4.75
N THR A 579 34.67 -10.87 -3.54
CA THR A 579 35.98 -11.48 -3.36
C THR A 579 35.99 -12.90 -3.89
N ALA A 580 34.98 -13.69 -3.54
CA ALA A 580 34.91 -15.07 -4.00
C ALA A 580 34.70 -15.14 -5.50
N LEU A 581 33.91 -14.22 -6.07
CA LEU A 581 33.80 -14.16 -7.51
C LEU A 581 35.06 -13.68 -8.19
N GLN A 582 35.96 -13.02 -7.46
CA GLN A 582 37.20 -12.58 -8.07
C GLN A 582 38.33 -13.58 -7.90
N HIS A 583 38.34 -14.32 -6.79
CA HIS A 583 39.47 -15.18 -6.50
C HIS A 583 39.53 -16.37 -7.45
N ASN A 584 38.39 -16.87 -7.88
CA ASN A 584 38.37 -17.88 -8.93
C ASN A 584 38.53 -17.27 -10.31
N GLU A 585 38.64 -15.95 -10.41
CA GLU A 585 38.66 -15.28 -11.69
C GLU A 585 40.00 -14.71 -12.07
N PHE A 586 40.81 -14.27 -11.12
CA PHE A 586 42.15 -13.76 -11.39
C PHE A 586 43.13 -14.79 -10.87
N LEU A 587 43.43 -15.82 -11.66
CA LEU A 587 44.39 -16.80 -11.20
C LEU A 587 45.41 -17.24 -12.23
N GLY A 588 45.14 -17.16 -13.52
CA GLY A 588 46.08 -17.69 -14.48
C GLY A 588 46.35 -16.81 -15.69
N GLN A 589 45.55 -15.78 -15.87
CA GLN A 589 45.59 -14.99 -17.09
C GLN A 589 46.33 -13.68 -16.87
N ASN A 590 46.81 -13.11 -17.96
CA ASN A 590 47.68 -11.95 -17.93
C ASN A 590 47.04 -10.85 -18.78
N PHE A 591 46.76 -9.71 -18.15
CA PHE A 591 46.23 -8.55 -18.86
C PHE A 591 47.38 -7.63 -19.30
N CYS A 592 48.29 -8.21 -20.04
CA CYS A 592 49.52 -7.52 -20.39
C CYS A 592 50.10 -8.13 -21.67
N PRO A 593 49.52 -7.84 -22.83
CA PRO A 593 49.99 -8.49 -24.06
C PRO A 593 51.30 -7.87 -24.53
N GLY A 594 52.16 -8.71 -25.10
CA GLY A 594 53.45 -8.30 -25.60
C GLY A 594 54.56 -8.31 -24.57
N LEU A 595 54.24 -8.69 -23.33
CA LEU A 595 55.22 -8.67 -22.25
C LEU A 595 54.80 -9.71 -21.22
N ASN A 596 55.76 -10.18 -20.43
CA ASN A 596 55.49 -11.08 -19.32
C ASN A 596 56.05 -10.47 -18.05
N ALA A 597 55.25 -10.48 -16.98
CA ALA A 597 55.57 -9.74 -15.77
C ALA A 597 55.41 -10.58 -14.51
N THR A 598 56.02 -11.78 -14.49
CA THR A 598 55.84 -12.68 -13.35
C THR A 598 56.59 -12.19 -12.12
N GLY A 599 57.92 -12.20 -12.17
CA GLY A 599 58.73 -11.70 -11.07
C GLY A 599 59.79 -10.71 -11.48
N ASN A 600 60.16 -10.73 -12.76
CA ASN A 600 61.20 -9.86 -13.31
C ASN A 600 60.53 -8.95 -14.34
N ASN A 601 60.10 -7.78 -13.88
CA ASN A 601 59.54 -6.78 -14.77
C ASN A 601 59.78 -5.39 -14.18
N PRO A 602 60.31 -4.46 -14.95
CA PRO A 602 60.37 -3.07 -14.49
C PRO A 602 59.03 -2.37 -14.69
N CYS A 603 59.01 -1.05 -14.42
CA CYS A 603 57.88 -0.17 -14.74
C CYS A 603 56.59 -0.61 -14.04
N ASN A 604 56.61 -0.43 -12.72
CA ASN A 604 55.51 -0.82 -11.85
C ASN A 604 54.29 0.09 -12.04
N TYR A 605 53.30 -0.08 -11.16
CA TYR A 605 51.91 0.40 -11.34
C TYR A 605 51.34 -0.10 -12.66
N ALA A 606 51.66 -1.34 -12.99
CA ALA A 606 51.28 -1.94 -14.27
C ALA A 606 50.04 -2.79 -14.16
N THR A 607 49.95 -3.61 -13.11
CA THR A 607 48.85 -4.54 -12.82
C THR A 607 48.58 -5.46 -14.01
N CYS A 608 49.67 -6.02 -14.53
CA CYS A 608 49.55 -6.91 -15.68
C CYS A 608 48.88 -8.23 -15.30
N THR A 609 49.46 -8.95 -14.35
CA THR A 609 48.88 -10.19 -13.88
C THR A 609 47.76 -9.89 -12.89
N GLY A 610 46.79 -10.81 -12.84
CA GLY A 610 45.65 -10.61 -11.96
C GLY A 610 46.01 -10.83 -10.50
N GLU A 611 47.02 -11.66 -10.25
CA GLU A 611 47.49 -11.86 -8.88
C GLU A 611 48.17 -10.62 -8.35
N GLU A 612 48.75 -9.81 -9.23
CA GLU A 612 49.18 -8.48 -8.84
C GLU A 612 47.99 -7.58 -8.57
N TYR A 613 46.89 -7.78 -9.31
CA TYR A 613 45.72 -6.96 -9.08
C TYR A 613 45.04 -7.31 -7.77
N LEU A 614 45.10 -8.59 -7.38
CA LEU A 614 44.39 -9.01 -6.18
C LEU A 614 45.05 -8.47 -4.92
N VAL A 615 46.38 -8.34 -4.91
CA VAL A 615 47.01 -7.72 -3.76
C VAL A 615 46.87 -6.21 -3.80
N LYS A 616 46.51 -5.64 -4.95
CA LYS A 616 46.07 -4.25 -4.94
C LYS A 616 44.71 -4.13 -4.28
N GLN A 617 43.89 -5.17 -4.38
CA GLN A 617 42.68 -5.25 -3.59
C GLN A 617 42.91 -5.91 -2.25
N GLY A 618 44.12 -6.42 -2.00
CA GLY A 618 44.43 -7.03 -0.73
C GLY A 618 43.77 -8.36 -0.49
N ILE A 619 43.26 -8.99 -1.53
CA ILE A 619 42.71 -10.33 -1.41
C ILE A 619 43.86 -11.29 -1.22
N ASP A 620 43.76 -12.15 -0.20
CA ASP A 620 44.76 -13.17 0.01
C ASP A 620 44.71 -14.19 -1.13
N LEU A 621 45.87 -14.76 -1.46
CA LEU A 621 45.94 -15.61 -2.62
C LEU A 621 45.86 -17.10 -2.28
N SER A 622 45.56 -17.43 -1.03
CA SER A 622 45.44 -18.82 -0.65
C SER A 622 44.14 -19.41 -1.21
N PRO A 623 44.14 -20.70 -1.52
CA PRO A 623 42.86 -21.37 -1.83
C PRO A 623 41.93 -21.47 -0.64
N TRP A 624 42.42 -21.27 0.59
CA TRP A 624 41.50 -21.04 1.70
C TRP A 624 40.77 -19.72 1.53
N GLY A 625 41.43 -18.70 0.99
CA GLY A 625 40.84 -17.39 0.84
C GLY A 625 39.65 -17.33 -0.09
N LEU A 626 39.57 -18.28 -1.03
CA LEU A 626 38.37 -18.43 -1.85
C LEU A 626 37.18 -18.86 -0.99
N TRP A 627 37.27 -20.03 -0.36
CA TRP A 627 36.18 -20.56 0.43
C TRP A 627 36.02 -19.89 1.77
N LYS A 628 36.89 -18.94 2.11
CA LYS A 628 36.78 -18.22 3.37
C LYS A 628 35.52 -17.37 3.40
N ASN A 629 35.08 -16.90 2.24
CA ASN A 629 33.87 -16.10 2.19
C ASN A 629 32.62 -16.96 2.33
N HIS A 630 32.66 -18.17 1.77
CA HIS A 630 31.44 -18.98 1.71
C HIS A 630 31.03 -19.44 3.09
N VAL A 631 32.01 -19.81 3.93
CA VAL A 631 31.70 -20.09 5.31
C VAL A 631 31.31 -18.81 6.03
N ALA A 632 31.92 -17.68 5.68
CA ALA A 632 31.50 -16.40 6.24
C ALA A 632 30.11 -16.01 5.78
N LEU A 633 29.72 -16.42 4.58
CA LEU A 633 28.36 -16.21 4.14
C LEU A 633 27.42 -17.24 4.77
N ALA A 634 27.89 -18.48 4.93
CA ALA A 634 27.05 -19.50 5.53
C ALA A 634 26.79 -19.22 7.00
N CYS A 635 27.79 -18.70 7.70
CA CYS A 635 27.53 -18.24 9.06
C CYS A 635 26.79 -16.92 9.08
N MET A 636 26.76 -16.18 7.97
CA MET A 636 25.86 -15.03 7.89
C MET A 636 24.42 -15.48 7.72
N ILE A 637 24.21 -16.64 7.11
CA ILE A 637 22.86 -17.13 6.88
C ILE A 637 22.22 -17.56 8.19
N VAL A 638 22.98 -18.29 9.01
CA VAL A 638 22.42 -18.93 10.20
C VAL A 638 22.04 -17.88 11.24
N ILE A 639 22.88 -16.86 11.42
CA ILE A 639 22.59 -15.85 12.43
C ILE A 639 21.43 -14.97 11.99
N PHE A 640 21.29 -14.78 10.67
CA PHE A 640 20.16 -14.01 10.17
C PHE A 640 18.87 -14.83 10.15
N LEU A 641 18.96 -16.15 10.04
CA LEU A 641 17.73 -16.94 9.98
C LEU A 641 17.20 -17.20 11.37
N THR A 642 18.07 -17.48 12.33
CA THR A 642 17.61 -17.73 13.69
C THR A 642 17.22 -16.46 14.43
N ILE A 643 17.69 -15.29 14.00
CA ILE A 643 17.09 -14.08 14.55
C ILE A 643 15.72 -13.89 13.95
N ALA A 644 15.49 -14.39 12.73
CA ALA A 644 14.14 -14.39 12.19
C ALA A 644 13.31 -15.47 12.84
N TYR A 645 13.93 -16.61 13.15
CA TYR A 645 13.23 -17.65 13.88
C TYR A 645 12.92 -17.22 15.31
N LEU A 646 13.78 -16.36 15.88
CA LEU A 646 13.45 -15.80 17.18
C LEU A 646 12.32 -14.80 17.08
N LYS A 647 12.32 -13.98 16.02
CA LYS A 647 11.34 -12.90 15.94
C LYS A 647 9.94 -13.41 15.70
N LEU A 648 9.77 -14.49 14.95
CA LEU A 648 8.46 -15.11 14.87
C LEU A 648 8.06 -15.80 16.15
N LEU A 649 9.03 -16.36 16.87
CA LEU A 649 8.70 -17.12 18.07
C LEU A 649 8.31 -16.18 19.20
N PHE A 650 9.04 -15.08 19.37
CA PHE A 650 8.68 -14.06 20.34
C PHE A 650 7.92 -12.95 19.62
N LEU A 651 6.74 -13.30 19.16
CA LEU A 651 5.84 -12.34 18.55
C LEU A 651 4.61 -12.24 19.44
N LYS A 652 4.12 -11.02 19.64
CA LYS A 652 2.96 -10.83 20.51
C LYS A 652 1.72 -11.30 19.76
N LYS A 653 1.32 -12.53 20.00
CA LYS A 653 0.34 -13.24 19.19
C LYS A 653 -1.02 -13.28 19.85
N TYR A 654 -1.39 -12.22 20.54
CA TYR A 654 -2.67 -12.17 21.21
C TYR A 654 -3.50 -10.98 20.73
N ALA B 35 -33.48 28.23 -8.64
CA ALA B 35 -32.76 27.45 -9.64
C ALA B 35 -32.98 25.96 -9.41
N VAL B 36 -33.77 25.35 -10.28
CA VAL B 36 -34.18 23.96 -10.15
C VAL B 36 -33.45 23.15 -11.22
N LEU B 37 -33.30 21.86 -10.98
CA LEU B 37 -32.73 20.96 -11.97
C LEU B 37 -33.80 19.99 -12.46
N SER B 38 -33.64 19.54 -13.71
CA SER B 38 -34.52 18.52 -14.24
C SER B 38 -33.74 17.72 -15.28
N PHE B 39 -34.25 16.52 -15.58
CA PHE B 39 -33.51 15.57 -16.39
C PHE B 39 -34.50 14.63 -17.07
N HIS B 40 -34.22 14.29 -18.33
CA HIS B 40 -35.19 13.58 -19.14
C HIS B 40 -34.50 12.56 -20.01
N ASN B 41 -34.86 11.28 -19.82
CA ASN B 41 -34.53 10.16 -20.71
C ASN B 41 -33.03 9.96 -20.86
N ILE B 42 -32.34 9.85 -19.74
CA ILE B 42 -30.89 9.71 -19.75
C ILE B 42 -30.53 8.29 -20.17
N CYS B 43 -29.88 8.17 -21.32
CA CYS B 43 -29.30 6.92 -21.78
C CYS B 43 -27.77 7.06 -21.72
N TYR B 44 -27.12 6.16 -20.99
CA TYR B 44 -25.68 6.25 -20.79
C TYR B 44 -25.05 4.88 -21.00
N ARG B 45 -24.17 4.78 -21.99
CA ARG B 45 -23.40 3.57 -22.27
C ARG B 45 -21.93 3.82 -22.02
N VAL B 46 -21.24 2.79 -21.56
CA VAL B 46 -19.80 2.84 -21.33
C VAL B 46 -19.05 2.50 -22.62
N LYS B 61 -22.43 -1.73 -22.72
CA LYS B 61 -23.27 -1.87 -21.53
C LYS B 61 -23.89 -0.54 -21.13
N GLU B 62 -25.21 -0.49 -21.08
CA GLU B 62 -25.94 0.71 -20.68
C GLU B 62 -26.01 0.74 -19.16
N ILE B 63 -25.36 1.74 -18.55
CA ILE B 63 -25.34 1.82 -17.09
C ILE B 63 -26.45 2.71 -16.54
N LEU B 64 -26.82 3.79 -17.23
CA LEU B 64 -27.93 4.64 -16.79
C LEU B 64 -28.97 4.62 -17.91
N SER B 65 -29.97 3.75 -17.74
CA SER B 65 -30.78 3.31 -18.87
C SER B 65 -31.93 4.28 -19.19
N ASN B 66 -32.87 4.45 -18.26
CA ASN B 66 -34.13 5.13 -18.54
C ASN B 66 -34.48 6.12 -17.43
N ILE B 67 -33.54 6.98 -17.07
CA ILE B 67 -33.72 7.89 -15.94
C ILE B 67 -34.33 9.19 -16.44
N ASN B 68 -35.37 9.65 -15.74
CA ASN B 68 -35.98 10.96 -15.99
C ASN B 68 -36.73 11.42 -14.75
N GLY B 69 -36.83 12.74 -14.58
CA GLY B 69 -37.48 13.30 -13.41
C GLY B 69 -37.00 14.71 -13.15
N ILE B 70 -37.62 15.33 -12.16
CA ILE B 70 -37.34 16.73 -11.82
C ILE B 70 -36.77 16.79 -10.42
N MET B 71 -36.28 17.97 -10.05
CA MET B 71 -35.86 18.26 -8.69
C MET B 71 -36.72 19.36 -8.09
N LYS B 72 -36.29 19.82 -6.92
CA LYS B 72 -36.88 20.93 -6.18
C LYS B 72 -35.74 21.70 -5.53
N PRO B 73 -35.81 23.04 -5.47
CA PRO B 73 -34.74 23.80 -4.81
C PRO B 73 -34.71 23.63 -3.30
N GLY B 74 -34.44 22.42 -2.85
CA GLY B 74 -34.42 22.05 -1.45
C GLY B 74 -33.30 21.09 -1.16
N LEU B 75 -33.65 19.93 -0.60
CA LEU B 75 -32.68 18.92 -0.22
C LEU B 75 -33.03 17.63 -0.95
N ASN B 76 -32.36 17.36 -2.06
CA ASN B 76 -32.63 16.19 -2.86
C ASN B 76 -31.65 15.08 -2.50
N ALA B 77 -32.03 13.84 -2.79
CA ALA B 77 -31.19 12.71 -2.40
C ALA B 77 -31.25 11.63 -3.45
N ILE B 78 -30.17 10.86 -3.55
CA ILE B 78 -30.06 9.75 -4.48
C ILE B 78 -29.86 8.49 -3.64
N LEU B 79 -30.80 7.57 -3.71
CA LEU B 79 -30.74 6.38 -2.88
C LEU B 79 -30.55 5.13 -3.72
N GLY B 80 -30.31 4.03 -3.01
CA GLY B 80 -30.05 2.75 -3.64
C GLY B 80 -28.76 2.16 -3.16
N PRO B 81 -28.38 1.02 -3.71
CA PRO B 81 -27.10 0.40 -3.35
C PRO B 81 -25.96 1.00 -4.15
N THR B 82 -24.74 0.69 -3.72
CA THR B 82 -23.56 1.08 -4.47
C THR B 82 -23.40 0.29 -5.76
N GLY B 83 -24.03 -0.89 -5.85
CA GLY B 83 -23.95 -1.67 -7.07
C GLY B 83 -24.74 -1.10 -8.22
N GLY B 84 -25.76 -0.29 -7.94
CA GLY B 84 -26.61 0.27 -8.96
C GLY B 84 -26.01 1.46 -9.68
N GLY B 85 -26.89 2.30 -10.24
CA GLY B 85 -26.44 3.49 -10.92
C GLY B 85 -26.57 4.72 -10.04
N LYS B 86 -26.47 4.50 -8.73
CA LYS B 86 -26.65 5.55 -7.75
C LYS B 86 -25.51 6.56 -7.82
N SER B 87 -24.27 6.08 -7.71
CA SER B 87 -23.12 6.97 -7.77
C SER B 87 -22.92 7.53 -9.17
N SER B 88 -23.27 6.74 -10.20
CA SER B 88 -23.06 7.19 -11.56
C SER B 88 -24.10 8.22 -12.00
N LEU B 89 -25.24 8.30 -11.33
CA LEU B 89 -26.20 9.33 -11.65
C LEU B 89 -25.72 10.70 -11.22
N LEU B 90 -25.22 10.79 -9.98
CA LEU B 90 -24.82 12.08 -9.40
C LEU B 90 -23.64 12.67 -10.15
N ASP B 91 -22.78 11.82 -10.70
CA ASP B 91 -21.68 12.33 -11.51
C ASP B 91 -22.18 12.94 -12.81
N VAL B 92 -23.19 12.35 -13.42
CA VAL B 92 -23.68 12.88 -14.70
C VAL B 92 -24.52 14.12 -14.46
N LEU B 93 -25.18 14.20 -13.30
CA LEU B 93 -25.93 15.41 -12.98
C LEU B 93 -25.02 16.52 -12.50
N ALA B 94 -23.78 16.20 -12.14
CA ALA B 94 -22.81 17.22 -11.80
C ALA B 94 -21.81 17.46 -12.91
N ALA B 95 -22.06 16.90 -14.10
CA ALA B 95 -21.18 16.97 -15.27
C ALA B 95 -19.78 16.44 -14.95
N ARG B 96 -19.72 15.44 -14.09
CA ARG B 96 -18.46 14.80 -13.75
C ARG B 96 -18.09 13.70 -14.73
N LYS B 97 -19.08 12.94 -15.23
CA LYS B 97 -18.81 11.93 -16.23
C LYS B 97 -18.56 12.58 -17.59
N ASP B 98 -18.03 11.79 -18.49
CA ASP B 98 -17.82 12.26 -19.85
C ASP B 98 -19.14 12.34 -20.60
N PRO B 99 -19.31 13.31 -21.48
CA PRO B 99 -20.55 13.37 -22.27
C PRO B 99 -20.48 12.53 -23.54
N SER B 100 -19.51 11.62 -23.61
CA SER B 100 -19.41 10.70 -24.73
C SER B 100 -20.57 9.72 -24.75
N GLY B 101 -20.69 8.90 -23.72
CA GLY B 101 -21.80 7.98 -23.60
C GLY B 101 -23.13 8.60 -23.28
N LEU B 102 -23.17 9.90 -23.02
CA LEU B 102 -24.41 10.56 -22.64
C LEU B 102 -25.32 10.74 -23.85
N SER B 103 -26.61 10.46 -23.65
CA SER B 103 -27.62 10.68 -24.68
C SER B 103 -28.70 11.64 -24.25
N GLY B 104 -29.18 11.54 -23.00
CA GLY B 104 -30.21 12.42 -22.52
C GLY B 104 -29.70 13.82 -22.26
N ASP B 105 -30.63 14.69 -21.88
CA ASP B 105 -30.30 16.08 -21.58
C ASP B 105 -30.62 16.37 -20.13
N VAL B 106 -29.85 17.28 -19.53
CA VAL B 106 -30.09 17.76 -18.18
C VAL B 106 -30.45 19.24 -18.31
N LEU B 107 -31.67 19.59 -17.92
CA LEU B 107 -32.18 20.94 -18.06
C LEU B 107 -32.25 21.56 -16.67
N ILE B 108 -31.43 22.59 -16.44
CA ILE B 108 -31.53 23.38 -15.23
C ILE B 108 -32.50 24.52 -15.49
N ASN B 109 -33.62 24.52 -14.74
CA ASN B 109 -34.81 25.38 -14.89
C ASN B 109 -35.20 25.63 -16.36
N GLY B 110 -35.18 24.55 -17.15
CA GLY B 110 -35.47 24.62 -18.56
C GLY B 110 -34.27 24.88 -19.44
N ALA B 111 -33.33 25.70 -18.99
CA ALA B 111 -32.13 25.96 -19.76
C ALA B 111 -31.20 24.76 -19.73
N PRO B 112 -30.53 24.47 -20.84
CA PRO B 112 -29.49 23.43 -20.81
C PRO B 112 -28.29 23.91 -20.02
N ARG B 113 -27.51 22.95 -19.55
CA ARG B 113 -26.35 23.25 -18.71
C ARG B 113 -25.27 23.92 -19.54
N PRO B 114 -24.83 25.12 -19.18
CA PRO B 114 -23.83 25.84 -19.97
C PRO B 114 -22.44 25.24 -19.78
N ALA B 115 -21.47 25.83 -20.50
CA ALA B 115 -20.09 25.35 -20.45
C ALA B 115 -19.45 25.55 -19.08
N ASN B 116 -19.74 26.67 -18.41
CA ASN B 116 -19.21 26.93 -17.08
C ASN B 116 -20.20 26.56 -15.99
N PHE B 117 -20.99 25.50 -16.23
CA PHE B 117 -21.80 24.92 -15.17
C PHE B 117 -20.95 24.35 -14.06
N LYS B 118 -19.80 23.76 -14.40
CA LYS B 118 -18.92 23.18 -13.41
C LYS B 118 -18.17 24.24 -12.62
N CYS B 119 -18.08 25.46 -13.16
CA CYS B 119 -17.47 26.55 -12.42
C CYS B 119 -18.33 27.01 -11.25
N ASN B 120 -19.65 26.97 -11.38
CA ASN B 120 -20.54 27.52 -10.38
C ASN B 120 -21.14 26.49 -9.44
N SER B 121 -20.89 25.20 -9.66
CA SER B 121 -21.57 24.15 -8.94
C SER B 121 -20.56 23.27 -8.23
N GLY B 122 -20.62 23.26 -6.90
CA GLY B 122 -19.65 22.52 -6.12
C GLY B 122 -19.97 21.06 -5.97
N TYR B 123 -18.93 20.25 -5.97
CA TYR B 123 -19.04 18.80 -5.93
C TYR B 123 -18.08 18.31 -4.86
N VAL B 124 -18.61 17.84 -3.74
CA VAL B 124 -17.77 17.36 -2.65
C VAL B 124 -17.47 15.88 -2.89
N VAL B 125 -16.18 15.54 -2.93
CA VAL B 125 -15.73 14.20 -3.26
C VAL B 125 -15.85 13.35 -1.99
N GLN B 126 -15.93 12.02 -2.16
CA GLN B 126 -16.27 11.09 -1.08
C GLN B 126 -15.20 11.07 0.01
N ASP B 127 -13.96 10.80 -0.37
CA ASP B 127 -12.85 10.83 0.59
C ASP B 127 -12.53 12.26 0.97
N ASP B 128 -11.69 12.41 1.99
CA ASP B 128 -11.22 13.73 2.37
C ASP B 128 -10.21 14.21 1.34
N VAL B 129 -10.67 15.05 0.43
CA VAL B 129 -9.79 15.72 -0.50
C VAL B 129 -9.37 17.09 0.03
N VAL B 130 -9.59 17.35 1.32
CA VAL B 130 -9.00 18.50 1.95
C VAL B 130 -7.51 18.24 2.12
N MET B 131 -6.73 19.32 2.12
CA MET B 131 -5.30 19.20 2.40
C MET B 131 -5.11 18.93 3.89
N GLY B 132 -4.50 17.79 4.19
CA GLY B 132 -4.45 17.32 5.58
C GLY B 132 -3.55 18.16 6.45
N THR B 133 -2.36 18.49 5.96
CA THR B 133 -1.38 19.23 6.76
C THR B 133 -1.45 20.72 6.49
N LEU B 134 -2.65 21.30 6.51
CA LEU B 134 -2.81 22.74 6.39
C LEU B 134 -3.81 23.23 7.42
N THR B 135 -3.64 24.50 7.79
CA THR B 135 -4.57 25.16 8.70
C THR B 135 -5.88 25.40 7.99
N VAL B 136 -6.98 25.22 8.74
CA VAL B 136 -8.33 25.32 8.19
C VAL B 136 -8.62 26.73 7.68
N ARG B 137 -8.01 27.74 8.30
CA ARG B 137 -8.12 29.11 7.80
C ARG B 137 -7.52 29.23 6.40
N GLU B 138 -6.25 28.88 6.25
CA GLU B 138 -5.60 28.99 4.95
C GLU B 138 -6.07 27.91 3.98
N ASN B 139 -6.68 26.85 4.49
CA ASN B 139 -7.34 25.88 3.62
C ASN B 139 -8.53 26.50 2.92
N LEU B 140 -9.27 27.35 3.63
CA LEU B 140 -10.42 28.00 3.04
C LEU B 140 -10.00 29.23 2.23
N GLN B 141 -8.84 29.78 2.52
CA GLN B 141 -8.34 30.91 1.74
C GLN B 141 -7.93 30.47 0.34
N PHE B 142 -7.55 29.20 0.18
CA PHE B 142 -6.96 28.75 -1.07
C PHE B 142 -8.00 28.73 -2.19
N SER B 143 -9.15 28.13 -1.96
CA SER B 143 -10.20 28.09 -2.96
C SER B 143 -10.77 29.48 -3.22
N ALA B 144 -10.71 30.36 -2.24
CA ALA B 144 -11.09 31.74 -2.46
C ALA B 144 -10.06 32.49 -3.30
N ALA B 145 -8.83 32.01 -3.34
CA ALA B 145 -7.76 32.76 -3.98
C ALA B 145 -7.73 32.60 -5.49
N LEU B 146 -8.37 31.57 -6.04
CA LEU B 146 -8.24 31.31 -7.47
C LEU B 146 -9.53 31.51 -8.26
N ARG B 147 -10.68 31.62 -7.60
CA ARG B 147 -11.93 31.74 -8.34
C ARG B 147 -12.50 33.15 -8.32
N LEU B 148 -11.86 34.08 -7.61
CA LEU B 148 -12.52 35.34 -7.27
C LEU B 148 -11.68 36.58 -7.49
N ALA B 149 -10.36 36.50 -7.61
CA ALA B 149 -9.49 37.66 -7.59
C ALA B 149 -9.35 38.35 -8.94
N THR B 150 -10.31 38.16 -9.85
CA THR B 150 -10.21 38.80 -11.16
C THR B 150 -10.56 40.28 -11.08
N THR B 151 -11.53 40.65 -10.24
CA THR B 151 -11.94 42.04 -10.13
C THR B 151 -11.78 42.56 -8.70
N MET B 152 -12.30 41.83 -7.74
CA MET B 152 -12.37 42.30 -6.36
C MET B 152 -11.01 42.27 -5.70
N THR B 153 -10.87 43.08 -4.66
CA THR B 153 -9.61 43.17 -3.95
C THR B 153 -9.45 41.98 -3.01
N ASN B 154 -8.28 41.90 -2.37
CA ASN B 154 -8.06 40.89 -1.35
C ASN B 154 -8.95 41.15 -0.13
N HIS B 155 -8.97 42.39 0.32
CA HIS B 155 -9.76 42.75 1.48
C HIS B 155 -11.24 42.90 1.16
N GLU B 156 -11.65 42.69 -0.08
CA GLU B 156 -13.08 42.58 -0.40
C GLU B 156 -13.55 41.14 -0.26
N LYS B 157 -12.74 40.18 -0.73
CA LYS B 157 -13.13 38.78 -0.64
C LYS B 157 -12.83 38.17 0.72
N ASN B 158 -12.22 38.91 1.64
CA ASN B 158 -11.98 38.38 2.98
C ASN B 158 -13.25 38.22 3.80
N GLU B 159 -14.32 38.93 3.45
CA GLU B 159 -15.52 38.94 4.29
C GLU B 159 -16.33 37.67 4.11
N ARG B 160 -16.42 37.17 2.88
CA ARG B 160 -17.16 35.94 2.63
C ARG B 160 -16.44 34.71 3.16
N ILE B 161 -15.13 34.79 3.40
CA ILE B 161 -14.44 33.74 4.13
C ILE B 161 -14.93 33.71 5.57
N ASN B 162 -15.04 34.87 6.18
CA ASN B 162 -15.57 34.99 7.54
C ASN B 162 -17.06 34.75 7.61
N ARG B 163 -17.76 34.82 6.47
CA ARG B 163 -19.18 34.53 6.46
C ARG B 163 -19.44 33.03 6.45
N VAL B 164 -18.69 32.28 5.64
CA VAL B 164 -18.92 30.85 5.51
C VAL B 164 -18.28 30.06 6.64
N ILE B 165 -17.44 30.69 7.46
CA ILE B 165 -16.88 29.97 8.60
C ILE B 165 -17.88 29.87 9.75
N GLN B 166 -18.86 30.79 9.80
CA GLN B 166 -19.83 30.82 10.89
C GLN B 166 -21.12 30.09 10.53
N GLU B 167 -21.58 30.19 9.29
CA GLU B 167 -22.74 29.39 8.89
C GLU B 167 -22.37 27.92 8.77
N LEU B 168 -21.08 27.60 8.64
CA LEU B 168 -20.63 26.24 8.86
C LEU B 168 -20.42 25.95 10.33
N GLY B 169 -20.21 26.98 11.15
CA GLY B 169 -19.90 26.74 12.55
C GLY B 169 -18.47 26.28 12.77
N LEU B 170 -17.56 26.66 11.89
CA LEU B 170 -16.19 26.19 11.98
C LEU B 170 -15.22 27.26 12.48
N ASP B 171 -15.71 28.24 13.24
CA ASP B 171 -14.83 29.18 13.91
C ASP B 171 -14.15 28.56 15.13
N LYS B 172 -14.67 27.43 15.61
CA LYS B 172 -14.14 26.77 16.79
C LYS B 172 -12.73 26.23 16.60
N VAL B 173 -12.44 25.68 15.43
CA VAL B 173 -11.13 25.07 15.16
C VAL B 173 -10.53 25.71 13.91
N ALA B 174 -10.86 26.98 13.68
CA ALA B 174 -10.51 27.65 12.44
C ALA B 174 -9.00 27.88 12.30
N ASP B 175 -8.27 27.86 13.40
CA ASP B 175 -6.82 28.09 13.38
C ASP B 175 -6.04 26.81 13.65
N SER B 176 -6.63 25.66 13.39
CA SER B 176 -5.97 24.39 13.63
C SER B 176 -5.70 23.70 12.30
N LYS B 177 -4.72 22.80 12.31
CA LYS B 177 -4.47 21.98 11.13
C LYS B 177 -5.56 20.92 11.01
N VAL B 178 -5.78 20.45 9.78
CA VAL B 178 -6.88 19.53 9.51
C VAL B 178 -6.61 18.17 10.13
N GLY B 179 -5.53 17.52 9.72
CA GLY B 179 -5.19 16.25 10.29
C GLY B 179 -5.31 15.11 9.30
N THR B 180 -4.37 14.18 9.36
CA THR B 180 -4.35 13.03 8.46
C THR B 180 -3.97 11.77 9.23
N GLN B 181 -3.64 10.70 8.51
CA GLN B 181 -3.15 9.49 9.16
C GLN B 181 -1.72 9.63 9.64
N PHE B 182 -0.98 10.63 9.14
CA PHE B 182 0.36 10.93 9.63
C PHE B 182 0.36 11.81 10.87
N ILE B 183 -0.38 12.92 10.86
CA ILE B 183 -0.42 13.84 11.99
C ILE B 183 -1.88 14.13 12.33
N ARG B 184 -2.12 14.39 13.61
CA ARG B 184 -3.46 14.68 14.10
C ARG B 184 -3.81 16.16 13.93
N GLY B 185 -5.04 16.49 14.28
CA GLY B 185 -5.55 17.84 14.13
C GLY B 185 -7.02 17.90 14.48
N VAL B 186 -7.81 18.51 13.60
CA VAL B 186 -9.27 18.52 13.76
C VAL B 186 -9.80 17.10 13.55
N SER B 187 -10.79 16.73 14.36
CA SER B 187 -11.39 15.40 14.31
C SER B 187 -12.09 15.15 12.97
N GLY B 188 -12.35 13.86 12.70
CA GLY B 188 -12.86 13.45 11.42
C GLY B 188 -14.29 13.88 11.12
N GLY B 189 -15.05 14.24 12.15
CA GLY B 189 -16.40 14.71 11.92
C GLY B 189 -16.44 16.07 11.23
N GLU B 190 -15.47 16.93 11.52
CA GLU B 190 -15.40 18.24 10.91
C GLU B 190 -14.43 18.29 9.74
N ARG B 191 -13.91 17.15 9.32
CA ARG B 191 -13.15 17.11 8.07
C ARG B 191 -14.06 17.23 6.88
N LYS B 192 -15.26 16.64 6.96
CA LYS B 192 -16.22 16.79 5.89
C LYS B 192 -16.76 18.19 5.76
N ARG B 193 -16.81 18.94 6.86
CA ARG B 193 -17.30 20.30 6.76
C ARG B 193 -16.32 21.17 6.00
N THR B 194 -15.03 20.89 6.15
CA THR B 194 -14.01 21.63 5.41
C THR B 194 -14.07 21.34 3.93
N SER B 195 -14.42 20.12 3.53
CA SER B 195 -14.66 19.84 2.12
C SER B 195 -15.88 20.59 1.61
N ILE B 196 -16.94 20.65 2.43
CA ILE B 196 -18.17 21.31 2.01
C ILE B 196 -17.96 22.82 1.98
N GLY B 197 -17.35 23.36 3.02
CA GLY B 197 -17.11 24.79 3.09
C GLY B 197 -16.15 25.30 2.04
N MET B 198 -15.27 24.44 1.53
CA MET B 198 -14.35 24.84 0.48
C MET B 198 -15.07 25.16 -0.81
N GLU B 199 -16.19 24.51 -1.07
CA GLU B 199 -16.92 24.71 -2.31
C GLU B 199 -18.10 25.67 -2.16
N LEU B 200 -18.05 26.57 -1.17
CA LEU B 200 -19.12 27.51 -0.94
C LEU B 200 -18.73 28.95 -1.19
N ILE B 201 -17.45 29.23 -1.42
CA ILE B 201 -16.99 30.62 -1.47
C ILE B 201 -17.47 31.30 -2.74
N THR B 202 -17.22 30.69 -3.89
CA THR B 202 -17.96 31.12 -5.08
C THR B 202 -19.41 30.70 -4.91
N ASP B 203 -20.31 31.50 -5.48
CA ASP B 203 -21.71 31.42 -5.12
C ASP B 203 -22.38 30.21 -5.75
N PRO B 204 -22.85 29.24 -4.98
CA PRO B 204 -23.46 28.05 -5.57
C PRO B 204 -24.97 28.19 -5.74
N SER B 205 -25.46 27.68 -6.86
CA SER B 205 -26.88 27.47 -7.03
C SER B 205 -27.26 26.02 -6.84
N ILE B 206 -26.39 25.10 -7.28
CA ILE B 206 -26.56 23.68 -7.05
C ILE B 206 -25.33 23.21 -6.28
N LEU B 207 -25.53 22.33 -5.31
CA LEU B 207 -24.44 21.78 -4.52
C LEU B 207 -24.57 20.27 -4.50
N PHE B 208 -23.50 19.58 -4.84
CA PHE B 208 -23.50 18.12 -4.87
C PHE B 208 -22.65 17.58 -3.72
N LEU B 209 -23.00 16.37 -3.27
CA LEU B 209 -22.25 15.69 -2.22
C LEU B 209 -22.16 14.23 -2.58
N ASP B 210 -20.94 13.72 -2.79
CA ASP B 210 -20.71 12.32 -3.11
C ASP B 210 -20.58 11.54 -1.81
N GLU B 211 -21.68 10.89 -1.40
CA GLU B 211 -21.80 9.99 -0.26
C GLU B 211 -21.30 10.62 1.05
N PRO B 212 -22.05 11.58 1.60
CA PRO B 212 -21.49 12.42 2.67
C PRO B 212 -21.44 11.77 4.04
N THR B 213 -21.97 10.56 4.22
CA THR B 213 -21.87 9.87 5.51
C THR B 213 -21.24 8.49 5.33
N THR B 214 -20.08 8.45 4.70
CA THR B 214 -19.28 7.23 4.65
C THR B 214 -18.34 7.20 5.85
N GLY B 215 -18.76 6.57 6.94
CA GLY B 215 -17.94 6.41 8.12
C GLY B 215 -17.65 7.72 8.81
N LEU B 216 -18.69 8.36 9.34
CA LEU B 216 -18.55 9.66 9.96
C LEU B 216 -19.01 9.72 11.41
N ASP B 217 -18.93 8.60 12.15
CA ASP B 217 -19.31 8.50 13.56
C ASP B 217 -20.75 8.96 13.77
N SER B 218 -21.71 8.15 13.30
CA SER B 218 -23.11 8.50 13.00
C SER B 218 -23.84 9.38 14.02
N SER B 219 -23.39 9.36 15.28
CA SER B 219 -23.79 10.39 16.24
C SER B 219 -23.38 11.79 15.78
N THR B 220 -22.26 11.91 15.06
CA THR B 220 -21.83 13.20 14.53
C THR B 220 -22.34 13.46 13.13
N ALA B 221 -22.85 12.44 12.44
CA ALA B 221 -23.26 12.57 11.05
C ALA B 221 -24.46 13.48 10.86
N ASN B 222 -25.36 13.52 11.84
CA ASN B 222 -26.61 14.25 11.70
C ASN B 222 -26.39 15.76 11.67
N ALA B 223 -25.33 16.23 12.33
CA ALA B 223 -25.13 17.67 12.47
C ALA B 223 -24.81 18.34 11.15
N VAL B 224 -24.05 17.68 10.29
CA VAL B 224 -23.77 18.26 8.99
C VAL B 224 -25.00 18.16 8.09
N LEU B 225 -25.82 17.14 8.28
CA LEU B 225 -27.01 16.98 7.46
C LEU B 225 -28.11 17.96 7.84
N LEU B 226 -28.17 18.36 9.11
CA LEU B 226 -29.05 19.46 9.47
C LEU B 226 -28.54 20.77 8.92
N LEU B 227 -27.21 20.92 8.81
CA LEU B 227 -26.62 22.13 8.26
C LEU B 227 -26.97 22.30 6.79
N LEU B 228 -27.05 21.20 6.05
CA LEU B 228 -27.53 21.28 4.68
C LEU B 228 -29.00 21.62 4.62
N LYS B 229 -29.78 21.12 5.57
CA LYS B 229 -31.15 21.59 5.73
C LYS B 229 -31.14 23.07 6.11
N ARG B 230 -30.17 23.48 6.94
CA ARG B 230 -30.01 24.89 7.22
C ARG B 230 -29.42 25.65 6.03
N MET B 231 -28.66 24.97 5.17
CA MET B 231 -28.13 25.65 3.99
C MET B 231 -29.20 25.82 2.92
N SER B 232 -30.16 24.90 2.85
CA SER B 232 -31.21 24.96 1.84
C SER B 232 -32.21 26.08 2.10
N LYS B 233 -32.18 26.70 3.28
CA LYS B 233 -33.05 27.83 3.59
C LYS B 233 -32.74 29.06 2.76
N GLN B 234 -31.53 29.16 2.21
CA GLN B 234 -31.18 30.23 1.28
C GLN B 234 -31.61 29.91 -0.15
N GLY B 235 -31.87 28.64 -0.46
CA GLY B 235 -32.18 28.22 -1.80
C GLY B 235 -31.11 27.41 -2.49
N ARG B 236 -30.22 26.78 -1.73
CA ARG B 236 -29.15 25.97 -2.30
C ARG B 236 -29.71 24.61 -2.69
N THR B 237 -29.53 24.22 -3.94
CA THR B 237 -29.99 22.92 -4.40
C THR B 237 -28.98 21.85 -4.00
N ILE B 238 -29.39 20.98 -3.08
CA ILE B 238 -28.50 20.00 -2.48
C ILE B 238 -28.90 18.62 -2.98
N ILE B 239 -28.15 18.10 -3.95
CA ILE B 239 -28.38 16.77 -4.51
C ILE B 239 -27.23 15.90 -4.04
N PHE B 240 -27.51 14.96 -3.14
CA PHE B 240 -26.46 14.06 -2.69
C PHE B 240 -26.87 12.61 -2.92
N SER B 241 -25.90 11.72 -2.77
CA SER B 241 -26.12 10.28 -2.90
C SER B 241 -25.86 9.68 -1.53
N ILE B 242 -26.85 9.75 -0.65
CA ILE B 242 -26.65 9.31 0.72
C ILE B 242 -26.65 7.79 0.80
N HIS B 243 -25.79 7.26 1.65
CA HIS B 243 -25.58 5.83 1.81
C HIS B 243 -26.19 5.40 3.13
N GLN B 244 -27.33 4.71 3.05
CA GLN B 244 -28.11 4.11 4.14
C GLN B 244 -28.43 5.08 5.27
N PRO B 245 -29.34 6.04 5.08
CA PRO B 245 -29.85 6.77 6.24
C PRO B 245 -30.86 5.90 6.97
N ARG B 246 -30.84 5.98 8.30
CA ARG B 246 -31.66 5.02 9.04
C ARG B 246 -33.12 5.48 9.14
N TYR B 247 -33.39 6.47 9.97
CA TYR B 247 -34.69 7.13 9.96
C TYR B 247 -34.63 8.62 10.23
N SER B 248 -33.57 9.13 10.86
CA SER B 248 -33.60 10.46 11.44
C SER B 248 -33.59 11.54 10.36
N ILE B 249 -32.58 11.53 9.49
CA ILE B 249 -32.55 12.47 8.38
C ILE B 249 -33.51 12.03 7.28
N PHE B 250 -33.99 10.79 7.34
CA PHE B 250 -34.97 10.27 6.39
C PHE B 250 -36.30 11.01 6.49
N LYS B 251 -36.62 11.60 7.64
CA LYS B 251 -37.80 12.43 7.71
C LYS B 251 -37.50 13.86 7.28
N LEU B 252 -36.23 14.25 7.28
CA LEU B 252 -35.85 15.55 6.74
C LEU B 252 -35.26 15.40 5.35
N PHE B 253 -36.08 14.87 4.45
CA PHE B 253 -35.77 14.78 3.02
C PHE B 253 -36.83 15.55 2.25
N ASP B 254 -36.38 16.46 1.39
CA ASP B 254 -37.29 17.21 0.55
C ASP B 254 -37.67 16.45 -0.71
N SER B 255 -36.71 15.76 -1.34
CA SER B 255 -36.98 14.93 -2.49
C SER B 255 -35.98 13.79 -2.48
N LEU B 256 -36.36 12.68 -3.11
CA LEU B 256 -35.48 11.52 -3.17
C LEU B 256 -35.73 10.76 -4.46
N THR B 257 -34.70 10.03 -4.89
CA THR B 257 -34.72 9.29 -6.15
C THR B 257 -33.89 8.03 -5.95
N LEU B 258 -34.55 6.90 -5.79
CA LEU B 258 -33.87 5.65 -5.50
C LEU B 258 -33.67 4.86 -6.79
N LEU B 259 -32.48 4.29 -6.93
CA LEU B 259 -32.08 3.58 -8.14
C LEU B 259 -31.57 2.20 -7.77
N ALA B 260 -31.62 1.27 -8.73
CA ALA B 260 -31.14 -0.08 -8.49
C ALA B 260 -30.75 -0.74 -9.81
N SER B 261 -29.50 -1.22 -9.87
CA SER B 261 -28.91 -1.92 -11.03
C SER B 261 -29.08 -1.14 -12.33
N GLY B 262 -28.94 0.18 -12.25
CA GLY B 262 -29.16 1.00 -13.41
C GLY B 262 -30.61 1.21 -13.79
N ARG B 263 -31.54 0.90 -12.90
CA ARG B 263 -32.96 1.07 -13.14
C ARG B 263 -33.55 1.98 -12.07
N LEU B 264 -34.37 2.93 -12.51
CA LEU B 264 -35.08 3.80 -11.59
C LEU B 264 -36.14 3.01 -10.85
N MET B 265 -36.03 2.98 -9.52
CA MET B 265 -37.13 2.45 -8.72
C MET B 265 -38.22 3.50 -8.54
N PHE B 266 -37.87 4.67 -8.02
CA PHE B 266 -38.86 5.62 -7.57
C PHE B 266 -38.21 6.99 -7.42
N HIS B 267 -38.95 8.03 -7.77
CA HIS B 267 -38.58 9.42 -7.51
C HIS B 267 -39.77 10.09 -6.83
N GLY B 268 -39.50 10.82 -5.75
CA GLY B 268 -40.53 11.56 -5.08
C GLY B 268 -40.08 12.01 -3.70
N PRO B 269 -40.90 12.82 -3.04
CA PRO B 269 -40.57 13.23 -1.67
C PRO B 269 -40.71 12.08 -0.69
N ALA B 270 -40.05 12.24 0.46
CA ALA B 270 -40.01 11.17 1.47
C ALA B 270 -41.36 10.97 2.14
N GLN B 271 -42.20 12.01 2.23
CA GLN B 271 -43.52 11.84 2.83
C GLN B 271 -44.44 11.06 1.90
N GLU B 272 -44.14 11.06 0.60
CA GLU B 272 -44.89 10.31 -0.40
C GLU B 272 -44.28 8.94 -0.66
N ALA B 273 -43.13 8.65 -0.05
CA ALA B 273 -42.48 7.36 -0.28
C ALA B 273 -43.08 6.24 0.55
N LEU B 274 -43.55 6.56 1.76
CA LEU B 274 -44.07 5.54 2.67
C LEU B 274 -45.40 4.99 2.16
N GLY B 275 -46.24 5.85 1.58
CA GLY B 275 -47.46 5.39 0.98
C GLY B 275 -47.31 4.78 -0.40
N TYR B 276 -46.08 4.65 -0.91
CA TYR B 276 -45.90 4.10 -2.24
C TYR B 276 -45.92 2.58 -2.23
N PHE B 277 -44.97 1.96 -1.52
CA PHE B 277 -44.78 0.52 -1.61
C PHE B 277 -45.88 -0.27 -0.91
N GLU B 278 -46.63 0.37 -0.01
CA GLU B 278 -47.85 -0.25 0.50
C GLU B 278 -48.92 -0.34 -0.58
N SER B 279 -48.89 0.58 -1.56
CA SER B 279 -49.81 0.56 -2.69
C SER B 279 -49.15 -0.07 -3.91
N ALA B 280 -48.01 -0.75 -3.72
CA ALA B 280 -47.31 -1.38 -4.82
C ALA B 280 -47.23 -2.90 -4.71
N GLY B 281 -47.28 -3.46 -3.51
CA GLY B 281 -47.35 -4.91 -3.35
C GLY B 281 -46.48 -5.51 -2.26
N TYR B 282 -45.44 -4.84 -1.77
CA TYR B 282 -44.61 -5.38 -0.70
C TYR B 282 -44.78 -4.48 0.52
N HIS B 283 -45.23 -5.07 1.63
CA HIS B 283 -45.65 -4.31 2.80
C HIS B 283 -44.48 -4.09 3.74
N CYS B 284 -44.46 -2.91 4.37
CA CYS B 284 -43.44 -2.54 5.35
C CYS B 284 -44.16 -2.23 6.66
N GLU B 285 -44.20 -3.20 7.55
CA GLU B 285 -44.93 -3.08 8.81
C GLU B 285 -44.05 -2.40 9.87
N ALA B 286 -44.45 -2.50 11.13
CA ALA B 286 -43.67 -1.99 12.24
C ALA B 286 -42.36 -2.77 12.40
N TYR B 287 -41.40 -2.13 13.08
CA TYR B 287 -40.04 -2.64 13.31
C TYR B 287 -39.33 -2.97 11.99
N ASN B 288 -39.65 -2.21 10.96
CA ASN B 288 -39.08 -2.38 9.63
C ASN B 288 -38.69 -0.99 9.15
N ASN B 289 -37.40 -0.77 8.98
CA ASN B 289 -36.91 0.55 8.60
C ASN B 289 -37.30 0.86 7.16
N PRO B 290 -37.74 2.08 6.86
CA PRO B 290 -38.22 2.37 5.50
C PRO B 290 -37.12 2.40 4.46
N ALA B 291 -36.01 3.09 4.75
CA ALA B 291 -34.94 3.22 3.76
C ALA B 291 -34.20 1.92 3.52
N ASP B 292 -34.31 0.95 4.42
CA ASP B 292 -33.71 -0.37 4.22
C ASP B 292 -34.70 -1.38 3.66
N PHE B 293 -35.99 -1.14 3.80
CA PHE B 293 -36.97 -2.01 3.14
C PHE B 293 -37.02 -1.72 1.64
N PHE B 294 -36.71 -0.47 1.26
CA PHE B 294 -36.85 -0.07 -0.14
C PHE B 294 -35.79 -0.72 -1.01
N LEU B 295 -34.69 -1.18 -0.42
CA LEU B 295 -33.70 -1.98 -1.10
C LEU B 295 -33.90 -3.47 -0.88
N ASP B 296 -34.81 -3.86 0.01
CA ASP B 296 -35.07 -5.28 0.25
C ASP B 296 -35.81 -5.94 -0.91
N ILE B 297 -36.45 -5.16 -1.77
CA ILE B 297 -37.18 -5.73 -2.90
C ILE B 297 -36.22 -6.30 -3.94
N ILE B 298 -34.99 -5.78 -4.00
CA ILE B 298 -34.04 -6.31 -4.96
C ILE B 298 -33.12 -7.34 -4.32
N ASN B 299 -33.22 -7.52 -3.00
CA ASN B 299 -32.64 -8.70 -2.35
C ASN B 299 -33.51 -9.94 -2.55
N GLY B 300 -34.81 -9.76 -2.72
CA GLY B 300 -35.73 -10.88 -2.87
C GLY B 300 -36.16 -11.45 -1.53
N ASP B 301 -36.57 -10.57 -0.62
CA ASP B 301 -36.99 -10.89 0.76
C ASP B 301 -35.94 -11.71 1.53
N LEU B 328 -37.59 -10.32 -11.77
CA LEU B 328 -37.67 -9.59 -10.51
C LEU B 328 -36.95 -8.25 -10.62
N ILE B 329 -35.92 -8.21 -11.46
CA ILE B 329 -35.03 -7.05 -11.50
C ILE B 329 -35.67 -5.88 -12.24
N GLU B 330 -36.49 -6.14 -13.26
CA GLU B 330 -37.20 -5.09 -13.97
C GLU B 330 -38.68 -5.08 -13.63
N LYS B 331 -39.19 -6.17 -13.05
CA LYS B 331 -40.62 -6.31 -12.79
C LYS B 331 -41.11 -5.36 -11.71
N LEU B 332 -40.25 -5.03 -10.74
CA LEU B 332 -40.55 -3.99 -9.78
C LEU B 332 -40.52 -2.60 -10.41
N ALA B 333 -39.67 -2.40 -11.42
CA ALA B 333 -39.50 -1.10 -12.05
C ALA B 333 -40.60 -0.77 -13.03
N GLU B 334 -41.42 -1.75 -13.41
CA GLU B 334 -42.55 -1.47 -14.27
C GLU B 334 -43.71 -0.81 -13.54
N ILE B 335 -43.90 -1.11 -12.25
CA ILE B 335 -45.02 -0.55 -11.49
C ILE B 335 -44.88 0.96 -11.31
N TYR B 336 -43.65 1.47 -11.32
CA TYR B 336 -43.44 2.91 -11.31
C TYR B 336 -43.90 3.59 -12.59
N VAL B 337 -43.93 2.87 -13.72
CA VAL B 337 -44.36 3.48 -14.97
C VAL B 337 -45.86 3.72 -14.95
N ASN B 338 -46.63 2.75 -14.46
CA ASN B 338 -48.07 2.92 -14.28
C ASN B 338 -48.39 3.27 -12.83
N SER B 339 -47.53 4.06 -12.20
CA SER B 339 -47.82 4.67 -10.91
C SER B 339 -48.22 6.13 -11.11
N SER B 340 -48.78 6.73 -10.04
CA SER B 340 -49.26 8.10 -10.07
C SER B 340 -48.16 9.10 -9.69
N PHE B 341 -46.90 8.73 -9.87
CA PHE B 341 -45.75 9.60 -9.66
C PHE B 341 -45.03 9.94 -10.96
N TYR B 342 -44.86 8.97 -11.85
CA TYR B 342 -44.03 9.17 -13.02
C TYR B 342 -44.76 9.91 -14.14
N LYS B 343 -46.08 9.72 -14.27
CA LYS B 343 -46.82 10.28 -15.38
C LYS B 343 -46.92 11.80 -15.33
N GLU B 344 -47.06 12.38 -14.15
CA GLU B 344 -47.13 13.83 -14.04
C GLU B 344 -45.77 14.48 -14.01
N THR B 345 -44.71 13.70 -13.80
CA THR B 345 -43.36 14.23 -14.01
C THR B 345 -43.02 14.27 -15.49
N LYS B 346 -43.60 13.35 -16.28
CA LYS B 346 -43.42 13.41 -17.73
C LYS B 346 -44.16 14.60 -18.32
N ALA B 347 -45.32 14.95 -17.75
CA ALA B 347 -46.09 16.08 -18.25
C ALA B 347 -45.37 17.41 -18.02
N GLU B 348 -44.70 17.55 -16.87
CA GLU B 348 -43.91 18.75 -16.66
C GLU B 348 -42.57 18.67 -17.37
N LEU B 349 -42.06 17.46 -17.63
CA LEU B 349 -40.86 17.34 -18.45
C LEU B 349 -41.13 17.67 -19.90
N HIS B 350 -42.33 17.34 -20.40
CA HIS B 350 -42.68 17.65 -21.78
C HIS B 350 -42.97 19.12 -21.99
N GLN B 351 -43.33 19.86 -20.94
CA GLN B 351 -43.56 21.29 -21.09
C GLN B 351 -42.29 22.11 -20.91
N LEU B 352 -41.27 21.56 -20.27
CA LEU B 352 -39.96 22.21 -20.29
C LEU B 352 -39.07 21.70 -21.41
N SER B 353 -39.55 20.73 -22.20
CA SER B 353 -38.74 20.24 -23.32
C SER B 353 -38.77 21.21 -24.49
N GLY B 354 -39.95 21.74 -24.83
CA GLY B 354 -40.07 22.66 -25.94
C GLY B 354 -39.77 24.09 -25.55
N TYR B 369 -7.73 30.89 -17.02
CA TYR B 369 -9.18 30.84 -17.07
C TYR B 369 -9.78 32.15 -16.59
N THR B 370 -10.31 32.14 -15.37
CA THR B 370 -10.84 33.36 -14.77
C THR B 370 -9.81 34.14 -13.97
N THR B 371 -8.69 33.53 -13.62
CA THR B 371 -7.65 34.16 -12.84
C THR B 371 -6.38 34.19 -13.68
N SER B 372 -5.53 35.18 -13.42
CA SER B 372 -4.31 35.36 -14.19
C SER B 372 -3.32 34.23 -13.92
N PHE B 373 -2.36 34.11 -14.83
CA PHE B 373 -1.34 33.06 -14.78
C PHE B 373 -0.47 33.18 -13.54
N CYS B 374 0.17 34.34 -13.36
CA CYS B 374 1.08 34.54 -12.24
C CYS B 374 0.34 34.59 -10.92
N HIS B 375 -0.95 34.92 -10.93
CA HIS B 375 -1.74 34.77 -9.72
C HIS B 375 -2.01 33.30 -9.42
N GLN B 376 -2.12 32.48 -10.46
CA GLN B 376 -2.32 31.05 -10.23
C GLN B 376 -1.02 30.37 -9.84
N LEU B 377 0.10 30.81 -10.43
CA LEU B 377 1.38 30.15 -10.17
C LEU B 377 1.87 30.36 -8.76
N ARG B 378 1.53 31.50 -8.17
CA ARG B 378 1.96 31.77 -6.80
C ARG B 378 1.23 30.88 -5.82
N TRP B 379 -0.09 30.78 -5.96
CA TRP B 379 -0.91 30.24 -4.88
C TRP B 379 -0.77 28.72 -4.77
N VAL B 380 -0.65 28.02 -5.91
CA VAL B 380 -0.47 26.58 -5.85
C VAL B 380 0.93 26.24 -5.35
N SER B 381 1.89 27.12 -5.64
CA SER B 381 3.23 26.92 -5.12
C SER B 381 3.28 27.26 -3.64
N LYS B 382 2.37 28.10 -3.17
CA LYS B 382 2.30 28.38 -1.74
C LYS B 382 1.74 27.19 -0.98
N ARG B 383 0.89 26.40 -1.65
CA ARG B 383 0.19 25.33 -0.94
C ARG B 383 1.12 24.15 -0.65
N SER B 384 1.82 23.67 -1.67
CA SER B 384 2.64 22.49 -1.50
C SER B 384 3.89 22.79 -0.68
N PHE B 385 4.39 24.02 -0.79
CA PHE B 385 5.50 24.46 0.04
C PHE B 385 5.09 24.48 1.51
N LYS B 386 3.88 24.96 1.78
CA LYS B 386 3.34 24.89 3.13
C LYS B 386 3.02 23.45 3.51
N ASN B 387 2.69 22.62 2.51
CA ASN B 387 2.43 21.22 2.78
C ASN B 387 3.73 20.47 3.06
N LEU B 388 4.83 20.97 2.49
CA LEU B 388 6.12 20.28 2.65
C LEU B 388 6.65 20.44 4.06
N LEU B 389 6.75 21.68 4.54
CA LEU B 389 7.21 21.96 5.89
C LEU B 389 6.06 22.04 6.89
N GLY B 390 4.87 21.65 6.48
CA GLY B 390 3.79 21.42 7.43
C GLY B 390 3.91 20.00 7.93
N ASN B 391 4.36 19.11 7.06
CA ASN B 391 4.71 17.76 7.44
C ASN B 391 6.16 17.49 7.08
N PRO B 392 7.11 17.94 7.90
CA PRO B 392 8.52 17.67 7.61
C PRO B 392 9.00 16.38 8.25
N GLN B 393 8.27 15.29 7.98
CA GLN B 393 8.66 13.97 8.45
C GLN B 393 9.38 13.19 7.36
N ALA B 394 9.01 13.42 6.10
CA ALA B 394 9.68 12.80 4.97
C ALA B 394 10.62 13.75 4.26
N SER B 395 10.50 15.06 4.48
CA SER B 395 11.46 16.00 3.92
C SER B 395 12.78 15.97 4.68
N ILE B 396 12.72 16.07 6.01
CA ILE B 396 13.93 16.04 6.82
C ILE B 396 14.49 14.63 6.92
N ALA B 397 13.71 13.62 6.55
CA ALA B 397 14.25 12.26 6.47
C ALA B 397 15.28 12.15 5.35
N GLN B 398 15.04 12.81 4.23
CA GLN B 398 16.00 12.81 3.14
C GLN B 398 17.23 13.64 3.44
N ILE B 399 17.09 14.69 4.25
CA ILE B 399 18.24 15.54 4.56
C ILE B 399 19.22 14.82 5.47
N ILE B 400 18.70 14.13 6.48
CA ILE B 400 19.54 13.45 7.45
C ILE B 400 20.26 12.27 6.83
N VAL B 401 19.58 11.49 5.98
CA VAL B 401 20.24 10.37 5.31
C VAL B 401 21.23 10.88 4.28
N THR B 402 21.08 12.13 3.83
CA THR B 402 22.09 12.72 2.97
C THR B 402 23.31 13.15 3.77
N VAL B 403 23.09 13.81 4.91
CA VAL B 403 24.21 14.36 5.69
C VAL B 403 25.00 13.21 6.33
N VAL B 404 24.30 12.15 6.74
CA VAL B 404 24.98 10.98 7.25
C VAL B 404 25.66 10.20 6.14
N LEU B 405 25.13 10.24 4.92
CA LEU B 405 25.83 9.60 3.81
C LEU B 405 27.10 10.35 3.48
N GLY B 406 27.03 11.67 3.40
CA GLY B 406 28.21 12.46 3.09
C GLY B 406 29.30 12.39 4.15
N LEU B 407 28.92 12.24 5.42
CA LEU B 407 29.94 12.06 6.44
C LEU B 407 30.56 10.67 6.34
N VAL B 408 29.76 9.67 5.98
CA VAL B 408 30.28 8.31 5.88
C VAL B 408 31.22 8.19 4.68
N ILE B 409 30.83 8.75 3.54
CA ILE B 409 31.72 8.83 2.37
C ILE B 409 32.96 9.65 2.72
N GLY B 410 32.78 10.72 3.48
CA GLY B 410 33.92 11.50 3.94
C GLY B 410 34.79 10.75 4.93
N ALA B 411 34.19 9.92 5.77
CA ALA B 411 34.99 9.13 6.70
C ALA B 411 35.67 7.98 5.99
N ILE B 412 35.05 7.42 4.96
CA ILE B 412 35.70 6.35 4.21
C ILE B 412 36.88 6.89 3.42
N TYR B 413 36.61 7.85 2.54
CA TYR B 413 37.68 8.40 1.72
C TYR B 413 38.32 9.63 2.36
N PHE B 414 38.70 9.50 3.63
CA PHE B 414 39.28 10.63 4.33
C PHE B 414 40.70 10.86 3.84
N GLY B 415 40.82 11.58 2.74
CA GLY B 415 42.12 11.79 2.13
C GLY B 415 42.34 10.73 1.08
N LEU B 416 42.21 11.10 -0.18
CA LEU B 416 42.39 10.15 -1.27
C LEU B 416 43.78 10.40 -1.87
N LYS B 417 44.58 9.35 -1.94
CA LYS B 417 45.97 9.53 -2.31
C LYS B 417 46.12 9.44 -3.82
N ASN B 418 47.20 10.04 -4.34
CA ASN B 418 47.51 9.99 -5.76
C ASN B 418 48.45 8.84 -6.11
N ASP B 419 48.34 7.74 -5.36
CA ASP B 419 49.11 6.52 -5.61
C ASP B 419 48.45 5.75 -6.76
N SER B 420 48.82 4.48 -6.91
CA SER B 420 48.15 3.61 -7.88
C SER B 420 46.71 3.34 -7.47
N THR B 421 46.41 3.46 -6.19
CA THR B 421 45.04 3.29 -5.71
C THR B 421 44.30 4.61 -5.64
N GLY B 422 44.42 5.40 -6.70
CA GLY B 422 43.64 6.62 -6.80
C GLY B 422 42.52 6.46 -7.79
N ILE B 423 42.83 5.84 -8.93
CA ILE B 423 41.89 5.74 -10.05
C ILE B 423 40.71 4.89 -9.66
N GLN B 424 40.98 3.77 -8.99
CA GLN B 424 39.90 2.93 -8.49
C GLN B 424 39.16 3.61 -7.34
N ASN B 425 39.84 4.54 -6.66
CA ASN B 425 39.24 5.24 -5.53
C ASN B 425 38.44 6.46 -5.94
N ARG B 426 38.95 7.30 -6.83
CA ARG B 426 38.22 8.53 -7.12
C ARG B 426 37.15 8.33 -8.17
N ALA B 427 37.32 7.39 -9.09
CA ALA B 427 36.22 7.04 -9.98
C ALA B 427 35.16 6.22 -9.28
N GLY B 428 35.52 5.55 -8.19
CA GLY B 428 34.57 4.81 -7.42
C GLY B 428 33.58 5.72 -6.73
N VAL B 429 34.08 6.73 -6.01
CA VAL B 429 33.20 7.62 -5.27
C VAL B 429 32.40 8.50 -6.23
N LEU B 430 33.03 8.93 -7.31
CA LEU B 430 32.32 9.78 -8.26
C LEU B 430 31.37 8.98 -9.11
N PHE B 431 31.54 7.67 -9.20
CA PHE B 431 30.44 6.84 -9.64
C PHE B 431 29.31 6.86 -8.65
N PHE B 432 29.62 6.76 -7.35
CA PHE B 432 28.60 6.50 -6.36
C PHE B 432 27.70 7.71 -6.16
N LEU B 433 28.26 8.92 -6.29
CA LEU B 433 27.46 10.10 -5.98
C LEU B 433 26.43 10.37 -7.05
N THR B 434 26.73 10.00 -8.29
CA THR B 434 25.73 10.15 -9.34
C THR B 434 24.65 9.09 -9.22
N THR B 435 25.06 7.82 -9.13
CA THR B 435 24.06 6.76 -9.11
C THR B 435 23.30 6.69 -7.80
N ASN B 436 23.79 7.36 -6.75
CA ASN B 436 22.91 7.63 -5.62
C ASN B 436 21.83 8.61 -6.03
N GLN B 437 22.25 9.75 -6.60
CA GLN B 437 21.30 10.79 -6.98
C GLN B 437 20.34 10.34 -8.07
N CYS B 438 20.79 9.44 -8.94
CA CYS B 438 19.87 8.85 -9.90
C CYS B 438 18.90 7.90 -9.22
N PHE B 439 19.33 7.24 -8.14
CA PHE B 439 18.45 6.26 -7.50
C PHE B 439 17.67 6.86 -6.35
N SER B 440 18.22 7.87 -5.67
CA SER B 440 17.52 8.45 -4.53
C SER B 440 16.36 9.33 -4.97
N SER B 441 16.25 9.57 -6.26
CA SER B 441 15.05 10.14 -6.84
C SER B 441 14.01 9.09 -7.18
N VAL B 442 14.07 7.90 -6.58
CA VAL B 442 12.93 6.99 -6.59
C VAL B 442 11.74 7.60 -5.87
N SER B 443 11.97 8.43 -4.87
CA SER B 443 10.91 9.08 -4.11
C SER B 443 10.44 10.37 -4.75
N ALA B 444 10.69 10.56 -6.03
CA ALA B 444 10.04 11.65 -6.73
C ALA B 444 8.78 11.22 -7.44
N VAL B 445 8.44 9.92 -7.39
CA VAL B 445 7.24 9.44 -8.06
C VAL B 445 6.01 9.79 -7.23
N GLU B 446 6.21 10.07 -5.94
CA GLU B 446 5.12 10.43 -5.04
C GLU B 446 4.85 11.92 -5.08
N LEU B 447 4.77 12.49 -6.28
CA LEU B 447 4.57 13.92 -6.42
C LEU B 447 3.24 14.25 -7.07
N PHE B 448 2.81 13.43 -8.02
CA PHE B 448 1.54 13.63 -8.68
C PHE B 448 0.54 12.52 -8.40
N VAL B 449 0.91 11.53 -7.59
CA VAL B 449 0.05 10.38 -7.36
C VAL B 449 -0.47 10.31 -5.93
N VAL B 450 0.16 10.97 -4.96
CA VAL B 450 -0.42 10.99 -3.63
C VAL B 450 -1.49 12.06 -3.54
N GLU B 451 -1.61 12.89 -4.55
CA GLU B 451 -2.61 13.94 -4.62
C GLU B 451 -3.22 13.97 -6.02
N LYS B 452 -3.46 12.80 -6.59
CA LYS B 452 -4.03 12.74 -7.93
C LYS B 452 -5.50 13.11 -7.90
N LYS B 453 -6.23 12.61 -6.90
CA LYS B 453 -7.61 13.01 -6.74
C LYS B 453 -7.70 14.45 -6.25
N LEU B 454 -6.63 14.94 -5.62
CA LEU B 454 -6.49 16.37 -5.40
C LEU B 454 -6.20 17.13 -6.67
N PHE B 455 -5.79 16.46 -7.73
CA PHE B 455 -5.56 17.17 -8.98
C PHE B 455 -6.75 17.10 -9.92
N ILE B 456 -7.39 15.94 -10.02
CA ILE B 456 -8.52 15.79 -10.93
C ILE B 456 -9.69 16.63 -10.46
N HIS B 457 -9.92 16.66 -9.15
CA HIS B 457 -11.04 17.44 -8.62
C HIS B 457 -10.79 18.94 -8.74
N GLU B 458 -9.56 19.38 -8.52
CA GLU B 458 -9.30 20.80 -8.58
C GLU B 458 -9.10 21.30 -10.00
N TYR B 459 -8.78 20.44 -10.95
CA TYR B 459 -8.70 20.91 -12.33
C TYR B 459 -10.09 21.03 -12.92
N ILE B 460 -10.91 19.99 -12.76
CA ILE B 460 -12.20 19.98 -13.43
C ILE B 460 -13.16 20.96 -12.79
N SER B 461 -12.92 21.37 -11.54
CA SER B 461 -13.81 22.35 -10.93
C SER B 461 -13.51 23.75 -11.42
N GLY B 462 -12.37 23.96 -12.04
CA GLY B 462 -12.04 25.23 -12.66
C GLY B 462 -11.07 26.11 -11.89
N TYR B 463 -10.21 25.53 -11.06
CA TYR B 463 -9.32 26.34 -10.24
C TYR B 463 -8.19 26.92 -11.06
N TYR B 464 -7.62 26.12 -11.96
CA TYR B 464 -6.46 26.54 -12.72
C TYR B 464 -6.32 25.69 -13.96
N ARG B 465 -5.50 26.18 -14.90
CA ARG B 465 -5.09 25.36 -16.01
C ARG B 465 -4.01 24.37 -15.55
N VAL B 466 -3.69 23.43 -16.43
CA VAL B 466 -2.80 22.34 -16.03
C VAL B 466 -1.36 22.81 -15.94
N SER B 467 -0.94 23.68 -16.86
CA SER B 467 0.44 24.14 -16.89
C SER B 467 0.76 25.03 -15.71
N SER B 468 -0.25 25.63 -15.10
CA SER B 468 -0.07 26.34 -13.84
C SER B 468 0.18 25.39 -12.69
N TYR B 469 -0.56 24.28 -12.61
CA TYR B 469 -0.32 23.29 -11.58
C TYR B 469 1.04 22.64 -11.74
N PHE B 470 1.41 22.36 -12.99
CA PHE B 470 2.64 21.62 -13.24
C PHE B 470 3.85 22.50 -13.05
N LEU B 471 3.75 23.78 -13.39
CA LEU B 471 4.88 24.66 -13.12
C LEU B 471 4.87 25.07 -11.66
N GLY B 472 3.72 24.96 -11.01
CA GLY B 472 3.63 25.33 -9.61
C GLY B 472 4.34 24.34 -8.70
N LYS B 473 4.11 23.05 -8.91
CA LYS B 473 4.66 22.06 -7.99
C LYS B 473 6.14 21.82 -8.22
N LEU B 474 6.65 22.05 -9.44
CA LEU B 474 8.03 21.76 -9.72
C LEU B 474 8.96 22.71 -9.00
N LEU B 475 8.66 24.01 -9.01
CA LEU B 475 9.47 24.98 -8.28
C LEU B 475 9.05 25.09 -6.82
N SER B 476 8.32 24.11 -6.30
CA SER B 476 7.94 24.14 -4.90
C SER B 476 8.29 22.84 -4.19
N ASP B 477 8.28 21.72 -4.91
CA ASP B 477 8.49 20.42 -4.28
C ASP B 477 9.36 19.53 -5.16
N LEU B 478 9.96 20.11 -6.19
CA LEU B 478 11.00 19.37 -6.89
C LEU B 478 12.24 20.23 -6.99
N LEU B 479 12.07 21.53 -7.19
CA LEU B 479 13.24 22.38 -7.29
C LEU B 479 13.89 22.64 -5.92
N PRO B 480 13.18 23.12 -4.85
CA PRO B 480 13.93 23.36 -3.60
C PRO B 480 14.17 22.10 -2.80
N MET B 481 13.47 21.03 -3.14
CA MET B 481 13.68 19.76 -2.48
C MET B 481 14.90 19.04 -3.01
N ARG B 482 15.01 18.89 -4.33
CA ARG B 482 16.13 18.18 -4.93
C ARG B 482 17.30 19.10 -5.24
N MET B 483 17.36 20.27 -4.63
CA MET B 483 18.54 21.12 -4.69
C MET B 483 19.39 20.92 -3.45
N LEU B 484 18.82 20.28 -2.44
CA LEU B 484 19.63 19.99 -1.26
C LEU B 484 19.72 18.51 -0.92
N PRO B 485 19.89 17.58 -1.87
CA PRO B 485 20.83 16.50 -1.64
C PRO B 485 22.10 16.76 -2.41
N SER B 486 22.22 17.97 -2.95
CA SER B 486 23.35 18.25 -3.82
C SER B 486 24.30 19.28 -3.23
N ILE B 487 23.79 20.46 -2.87
CA ILE B 487 24.67 21.48 -2.32
C ILE B 487 24.96 21.19 -0.85
N ILE B 488 24.18 20.30 -0.25
CA ILE B 488 24.53 19.80 1.06
C ILE B 488 25.54 18.67 0.90
N PHE B 489 25.68 18.12 -0.31
CA PHE B 489 26.50 16.94 -0.48
C PHE B 489 27.94 17.30 -0.71
N THR B 490 28.18 18.21 -1.64
CA THR B 490 29.54 18.54 -2.05
C THR B 490 30.33 19.20 -0.93
N CYS B 491 29.68 20.09 -0.18
CA CYS B 491 30.37 20.81 0.88
C CYS B 491 30.80 19.89 2.01
N ILE B 492 30.10 18.78 2.20
CA ILE B 492 30.51 17.87 3.26
C ILE B 492 31.43 16.79 2.70
N VAL B 493 31.50 16.63 1.37
CA VAL B 493 32.33 15.57 0.82
C VAL B 493 33.59 16.08 0.13
N TYR B 494 33.58 17.30 -0.41
CA TYR B 494 34.72 17.72 -1.20
C TYR B 494 35.86 18.21 -0.30
N PHE B 495 35.53 18.66 0.91
CA PHE B 495 36.54 19.10 1.85
C PHE B 495 37.10 17.96 2.69
N MET B 496 36.36 16.85 2.80
CA MET B 496 36.84 15.67 3.48
C MET B 496 37.67 14.76 2.59
N LEU B 497 37.67 15.00 1.29
CA LEU B 497 38.57 14.35 0.36
C LEU B 497 39.61 15.29 -0.21
N GLY B 498 39.24 16.49 -0.61
CA GLY B 498 40.12 17.29 -1.43
C GLY B 498 40.22 16.68 -2.80
N LEU B 499 39.11 16.72 -3.54
CA LEU B 499 39.08 16.15 -4.88
C LEU B 499 40.01 16.92 -5.81
N LYS B 500 39.68 18.18 -6.07
CA LYS B 500 40.44 19.04 -6.94
C LYS B 500 40.49 20.40 -6.28
N PRO B 501 41.65 20.81 -5.76
CA PRO B 501 41.70 21.99 -4.88
C PRO B 501 41.50 23.30 -5.62
N LYS B 502 40.28 23.52 -6.10
CA LYS B 502 39.92 24.77 -6.78
C LYS B 502 38.62 25.31 -6.20
N ALA B 503 38.06 26.31 -6.86
CA ALA B 503 36.72 26.77 -6.57
C ALA B 503 35.78 26.65 -7.76
N ASP B 504 36.30 26.62 -8.98
CA ASP B 504 35.45 26.34 -10.13
C ASP B 504 35.04 24.88 -10.15
N ALA B 505 35.98 23.99 -9.80
CA ALA B 505 35.68 22.55 -9.79
C ALA B 505 34.75 22.21 -8.64
N PHE B 506 34.79 22.99 -7.57
CA PHE B 506 33.83 22.85 -6.50
C PHE B 506 32.47 23.35 -6.98
N PHE B 507 32.49 24.33 -7.88
CA PHE B 507 31.26 24.92 -8.37
C PHE B 507 30.73 24.26 -9.63
N VAL B 508 31.54 23.49 -10.35
CA VAL B 508 30.96 22.72 -11.45
C VAL B 508 30.43 21.38 -10.95
N MET B 509 31.02 20.80 -9.90
CA MET B 509 30.55 19.54 -9.34
C MET B 509 29.24 19.72 -8.60
N MET B 510 29.12 20.81 -7.86
CA MET B 510 27.85 21.17 -7.25
C MET B 510 26.78 21.45 -8.29
N PHE B 511 27.18 21.94 -9.47
CA PHE B 511 26.18 22.20 -10.49
C PHE B 511 25.66 20.91 -11.11
N THR B 512 26.56 19.99 -11.44
CA THR B 512 26.12 18.82 -12.16
C THR B 512 25.41 17.81 -11.28
N LEU B 513 25.71 17.77 -9.98
CA LEU B 513 25.02 16.84 -9.11
C LEU B 513 23.58 17.23 -8.91
N MET B 514 23.28 18.52 -8.88
CA MET B 514 21.89 18.94 -8.92
C MET B 514 21.31 18.82 -10.32
N MET B 515 22.15 18.69 -11.35
CA MET B 515 21.62 18.53 -12.69
C MET B 515 21.19 17.09 -12.96
N VAL B 516 21.92 16.12 -12.44
CA VAL B 516 21.47 14.74 -12.51
C VAL B 516 20.21 14.55 -11.70
N ALA B 517 20.17 15.18 -10.52
CA ALA B 517 19.05 14.98 -9.61
C ALA B 517 17.78 15.59 -10.17
N TYR B 518 17.90 16.68 -10.92
CA TYR B 518 16.72 17.23 -11.57
C TYR B 518 16.31 16.37 -12.75
N SER B 519 17.26 15.67 -13.35
CA SER B 519 16.95 14.83 -14.50
C SER B 519 16.24 13.56 -14.07
N ALA B 520 16.90 12.75 -13.25
CA ALA B 520 16.39 11.42 -12.92
C ALA B 520 15.15 11.48 -12.04
N SER B 521 14.93 12.59 -11.35
CA SER B 521 13.62 12.80 -10.73
C SER B 521 12.55 12.96 -11.79
N SER B 522 12.81 13.82 -12.78
CA SER B 522 11.87 14.04 -13.85
C SER B 522 11.67 12.80 -14.71
N MET B 523 12.72 12.01 -14.90
CA MET B 523 12.60 10.71 -15.53
C MET B 523 11.69 9.81 -14.71
N ALA B 524 11.86 9.82 -13.39
CA ALA B 524 10.94 9.11 -12.53
C ALA B 524 9.60 9.80 -12.47
N LEU B 525 9.57 11.12 -12.71
CA LEU B 525 8.29 11.80 -12.75
C LEU B 525 7.57 11.55 -14.06
N ALA B 526 8.32 11.26 -15.13
CA ALA B 526 7.71 11.12 -16.44
C ALA B 526 6.88 9.85 -16.52
N ILE B 527 7.38 8.75 -15.96
CA ILE B 527 6.68 7.49 -16.10
C ILE B 527 5.86 7.21 -14.86
N ALA B 528 5.60 8.25 -14.06
CA ALA B 528 4.73 8.09 -12.92
C ALA B 528 3.64 9.14 -12.83
N ALA B 529 3.75 10.25 -13.55
CA ALA B 529 2.69 11.25 -13.57
C ALA B 529 1.48 10.69 -14.31
N GLY B 530 0.30 10.90 -13.74
CA GLY B 530 -0.90 10.38 -14.35
C GLY B 530 -1.10 8.90 -14.18
N GLN B 531 -0.70 8.35 -13.03
CA GLN B 531 -1.07 6.99 -12.65
C GLN B 531 -1.70 7.03 -11.26
N SER B 532 -2.32 5.92 -10.89
CA SER B 532 -3.07 5.83 -9.64
C SER B 532 -2.26 5.19 -8.53
N VAL B 533 -1.44 4.20 -8.84
CA VAL B 533 -0.67 3.47 -7.85
C VAL B 533 0.80 3.61 -8.19
N VAL B 534 1.65 3.50 -7.17
CA VAL B 534 3.07 3.71 -7.31
C VAL B 534 3.75 2.38 -7.61
N SER B 535 2.95 1.32 -7.70
CA SER B 535 3.47 -0.04 -7.68
C SER B 535 4.24 -0.37 -8.95
N VAL B 536 3.60 -0.29 -10.11
CA VAL B 536 4.32 -0.53 -11.34
C VAL B 536 5.18 0.66 -11.73
N ALA B 537 4.96 1.82 -11.12
CA ALA B 537 5.82 2.97 -11.40
C ALA B 537 7.19 2.83 -10.77
N THR B 538 7.30 2.15 -9.64
CA THR B 538 8.59 1.90 -9.04
C THR B 538 9.32 0.72 -9.66
N LEU B 539 8.58 -0.33 -10.02
CA LEU B 539 9.19 -1.51 -10.62
C LEU B 539 9.72 -1.21 -12.03
N LEU B 540 9.01 -0.39 -12.79
CA LEU B 540 9.44 -0.07 -14.14
C LEU B 540 10.65 0.86 -14.12
N MET B 541 10.67 1.80 -13.19
CA MET B 541 11.75 2.78 -13.17
C MET B 541 13.03 2.19 -12.62
N THR B 542 12.92 1.35 -11.58
CA THR B 542 14.12 0.82 -10.96
C THR B 542 14.83 -0.17 -11.87
N ILE B 543 14.09 -0.97 -12.64
CA ILE B 543 14.74 -1.80 -13.64
C ILE B 543 15.20 -0.98 -14.84
N CYS B 544 14.74 0.25 -14.99
CA CYS B 544 15.27 1.12 -16.02
C CYS B 544 16.56 1.82 -15.57
N PHE B 545 16.71 2.06 -14.27
CA PHE B 545 17.92 2.66 -13.73
C PHE B 545 19.01 1.65 -13.43
N VAL B 546 18.82 0.39 -13.80
CA VAL B 546 19.90 -0.59 -13.82
C VAL B 546 20.63 -0.57 -15.15
N PHE B 547 19.89 -0.47 -16.26
CA PHE B 547 20.53 -0.39 -17.57
C PHE B 547 21.27 0.93 -17.73
N MET B 548 20.81 1.97 -17.01
CA MET B 548 21.58 3.20 -16.95
C MET B 548 22.78 3.06 -16.03
N MET B 549 22.69 2.17 -15.04
CA MET B 549 23.82 1.96 -14.14
C MET B 549 24.94 1.23 -14.84
N ILE B 550 24.60 0.31 -15.75
CA ILE B 550 25.63 -0.46 -16.47
C ILE B 550 26.40 0.45 -17.42
N PHE B 551 25.71 1.05 -18.37
CA PHE B 551 26.35 1.99 -19.29
C PHE B 551 26.66 3.28 -18.56
N SER B 552 27.72 3.29 -17.78
CA SER B 552 28.03 4.51 -17.04
C SER B 552 29.52 4.78 -16.99
N GLY B 553 30.32 4.18 -17.86
CA GLY B 553 31.74 4.47 -17.86
C GLY B 553 32.53 3.82 -16.74
N LEU B 554 31.91 2.97 -15.92
CA LEU B 554 32.63 2.26 -14.88
C LEU B 554 32.62 0.75 -15.08
N LEU B 555 31.45 0.16 -15.19
CA LEU B 555 31.35 -1.30 -15.26
C LEU B 555 31.48 -1.85 -16.67
N VAL B 556 31.77 -1.01 -17.66
CA VAL B 556 31.74 -1.47 -19.04
C VAL B 556 33.05 -1.19 -19.75
N ASN B 557 33.56 0.04 -19.59
CA ASN B 557 34.50 0.67 -20.51
C ASN B 557 33.93 0.70 -21.93
N LEU B 558 32.94 1.59 -22.06
CA LEU B 558 32.08 1.81 -23.23
C LEU B 558 32.76 1.79 -24.59
N THR B 559 34.03 2.18 -24.64
CA THR B 559 34.79 2.13 -25.87
C THR B 559 35.02 0.72 -26.39
N THR B 560 34.83 -0.29 -25.55
CA THR B 560 35.18 -1.65 -25.94
C THR B 560 33.99 -2.49 -26.38
N ILE B 561 32.77 -2.06 -26.13
CA ILE B 561 31.62 -2.83 -26.60
C ILE B 561 31.35 -2.49 -28.06
N ALA B 562 30.64 -3.37 -28.74
CA ALA B 562 30.43 -3.21 -30.17
C ALA B 562 29.42 -2.11 -30.44
N SER B 563 29.57 -1.47 -31.59
CA SER B 563 28.79 -0.28 -31.90
C SER B 563 27.33 -0.56 -32.24
N TRP B 564 26.95 -1.83 -32.36
CA TRP B 564 25.54 -2.14 -32.54
C TRP B 564 24.75 -2.05 -31.23
N LEU B 565 25.45 -1.95 -30.09
CA LEU B 565 24.80 -1.78 -28.81
C LEU B 565 25.37 -0.60 -28.04
N SER B 566 26.53 -0.08 -28.44
CA SER B 566 27.13 1.06 -27.76
C SER B 566 26.40 2.37 -28.02
N TRP B 567 25.40 2.38 -28.90
CA TRP B 567 24.52 3.53 -29.02
C TRP B 567 23.67 3.72 -27.79
N LEU B 568 23.46 2.66 -27.01
CA LEU B 568 22.69 2.72 -25.77
C LEU B 568 23.40 3.46 -24.66
N GLN B 569 24.65 3.89 -24.86
CA GLN B 569 25.30 4.69 -23.83
C GLN B 569 24.71 6.08 -23.74
N TYR B 570 24.01 6.55 -24.77
CA TYR B 570 23.42 7.87 -24.70
C TYR B 570 22.07 7.87 -24.01
N PHE B 571 21.44 6.71 -23.88
CA PHE B 571 20.13 6.61 -23.26
C PHE B 571 20.31 6.26 -21.78
N SER B 572 21.18 7.00 -21.11
CA SER B 572 21.52 6.66 -19.73
C SER B 572 21.85 7.96 -19.01
N ILE B 573 21.14 8.22 -17.91
CA ILE B 573 21.34 9.47 -17.19
C ILE B 573 22.72 9.59 -16.53
N PRO B 574 23.16 8.68 -15.65
CA PRO B 574 24.37 9.00 -14.89
C PRO B 574 25.66 8.86 -15.65
N ARG B 575 25.64 8.39 -16.91
CA ARG B 575 26.85 8.48 -17.73
C ARG B 575 27.23 9.92 -17.96
N TYR B 576 26.25 10.75 -18.30
CA TYR B 576 26.46 12.18 -18.38
C TYR B 576 26.87 12.76 -17.05
N GLY B 577 26.40 12.18 -15.96
CA GLY B 577 26.90 12.56 -14.66
C GLY B 577 28.35 12.15 -14.52
N PHE B 578 28.63 10.87 -14.72
CA PHE B 578 29.94 10.33 -14.39
C PHE B 578 31.04 10.87 -15.29
N THR B 579 30.69 11.19 -16.53
CA THR B 579 31.67 11.81 -17.41
C THR B 579 31.97 13.24 -16.96
N ALA B 580 30.92 14.02 -16.68
CA ALA B 580 31.12 15.40 -16.25
C ALA B 580 31.79 15.46 -14.89
N LEU B 581 31.46 14.54 -13.99
CA LEU B 581 32.17 14.48 -12.73
C LEU B 581 33.60 14.01 -12.89
N GLN B 582 33.94 13.36 -14.00
CA GLN B 582 35.32 12.92 -14.19
C GLN B 582 36.15 13.93 -14.96
N HIS B 583 35.53 14.68 -15.87
CA HIS B 583 36.31 15.55 -16.75
C HIS B 583 36.87 16.74 -15.98
N ASN B 584 36.17 17.23 -14.99
CA ASN B 584 36.73 18.23 -14.10
C ASN B 584 37.64 17.63 -13.05
N GLU B 585 37.79 16.31 -13.03
CA GLU B 585 38.54 15.64 -11.99
C GLU B 585 39.88 15.08 -12.44
N PHE B 586 40.00 14.64 -13.68
CA PHE B 586 41.26 14.16 -14.20
C PHE B 586 41.78 15.19 -15.19
N LEU B 587 42.46 16.22 -14.69
CA LEU B 587 43.00 17.21 -15.61
C LEU B 587 44.41 17.67 -15.32
N GLY B 588 44.91 17.58 -14.09
CA GLY B 588 46.24 18.12 -13.83
C GLY B 588 47.13 17.24 -12.98
N GLN B 589 46.58 16.20 -12.40
CA GLN B 589 47.30 15.41 -11.40
C GLN B 589 47.80 14.11 -12.02
N ASN B 590 48.82 13.55 -11.39
CA ASN B 590 49.52 12.38 -11.90
C ASN B 590 49.48 11.29 -10.85
N PHE B 591 48.92 10.14 -11.22
CA PHE B 591 48.88 8.97 -10.34
C PHE B 591 50.09 8.07 -10.63
N CYS B 592 51.26 8.67 -10.53
CA CYS B 592 52.47 7.98 -10.93
C CYS B 592 53.65 8.60 -10.19
N PRO B 593 53.84 8.30 -8.90
CA PRO B 593 54.91 8.94 -8.15
C PRO B 593 56.26 8.34 -8.50
N GLY B 594 57.29 9.19 -8.51
CA GLY B 594 58.64 8.79 -8.81
C GLY B 594 58.97 8.82 -10.28
N LEU B 595 58.02 9.19 -11.14
CA LEU B 595 58.23 9.19 -12.58
C LEU B 595 57.28 10.23 -13.19
N ASN B 596 57.64 10.70 -14.38
CA ASN B 596 56.78 11.59 -15.14
C ASN B 596 56.55 11.00 -16.51
N ALA B 597 55.27 11.00 -16.95
CA ALA B 597 54.86 10.26 -18.13
C ALA B 597 54.02 11.11 -19.09
N THR B 598 54.50 12.31 -19.44
CA THR B 598 53.71 13.21 -20.27
C THR B 598 53.65 12.73 -21.72
N GLY B 599 54.79 12.75 -22.41
CA GLY B 599 54.83 12.26 -23.78
C GLY B 599 55.95 11.28 -24.04
N ASN B 600 56.98 11.30 -23.19
CA ASN B 600 58.16 10.44 -23.32
C ASN B 600 58.17 9.53 -22.11
N ASN B 601 57.58 8.35 -22.26
CA ASN B 601 57.61 7.35 -21.21
C ASN B 601 57.50 5.96 -21.84
N PRO B 602 58.38 5.04 -21.49
CA PRO B 602 58.18 3.64 -21.92
C PRO B 602 57.19 2.93 -21.02
N CYS B 603 57.03 1.61 -21.23
CA CYS B 603 56.28 0.73 -20.34
C CYS B 603 54.81 1.16 -20.20
N ASN B 604 54.09 0.96 -21.30
CA ASN B 604 52.69 1.35 -21.40
C ASN B 604 51.80 0.43 -20.56
N TYR B 605 50.48 0.59 -20.74
CA TYR B 605 49.44 0.10 -19.82
C TYR B 605 49.71 0.59 -18.40
N ALA B 606 50.14 1.84 -18.29
CA ALA B 606 50.54 2.43 -17.02
C ALA B 606 49.44 3.26 -16.42
N THR B 607 48.77 4.08 -17.23
CA THR B 607 47.69 5.00 -16.83
C THR B 607 48.13 5.91 -15.70
N CYS B 608 49.32 6.49 -15.87
CA CYS B 608 49.86 7.38 -14.85
C CYS B 608 49.07 8.68 -14.78
N THR B 609 49.03 9.41 -15.89
CA THR B 609 48.26 10.65 -15.94
C THR B 609 46.78 10.34 -16.14
N GLY B 610 45.95 11.24 -15.62
CA GLY B 610 44.51 11.04 -15.72
C GLY B 610 43.99 11.26 -17.13
N GLU B 611 44.67 12.10 -17.89
CA GLU B 611 44.29 12.31 -19.29
C GLU B 611 44.57 11.08 -20.13
N GLU B 612 45.56 10.27 -19.72
CA GLU B 612 45.71 8.95 -20.30
C GLU B 612 44.57 8.03 -19.86
N TYR B 613 44.08 8.22 -18.63
CA TYR B 613 42.98 7.38 -18.16
C TYR B 613 41.68 7.74 -18.87
N LEU B 614 41.50 9.02 -19.21
CA LEU B 614 40.24 9.43 -19.81
C LEU B 614 40.08 8.90 -21.22
N VAL B 615 41.18 8.77 -21.97
CA VAL B 615 41.06 8.17 -23.29
C VAL B 615 40.98 6.66 -23.18
N LYS B 616 41.33 6.08 -22.03
CA LYS B 616 40.97 4.69 -21.80
C LYS B 616 39.48 4.55 -21.59
N GLN B 617 38.84 5.59 -21.04
CA GLN B 617 37.39 5.65 -21.02
C GLN B 617 36.83 6.31 -22.26
N GLY B 618 37.70 6.84 -23.13
CA GLY B 618 37.23 7.45 -24.35
C GLY B 618 36.55 8.78 -24.18
N ILE B 619 36.69 9.40 -23.02
CA ILE B 619 36.16 10.73 -22.81
C ILE B 619 37.00 11.71 -23.61
N ASP B 620 36.33 12.56 -24.38
CA ASP B 620 37.04 13.60 -25.11
C ASP B 620 37.63 14.62 -24.14
N LEU B 621 38.77 15.20 -24.52
CA LEU B 621 39.48 16.06 -23.58
C LEU B 621 39.20 17.53 -23.81
N SER B 622 38.25 17.86 -24.67
CA SER B 622 37.92 19.25 -24.91
C SER B 622 37.17 19.83 -23.73
N PRO B 623 37.32 21.13 -23.45
CA PRO B 623 36.44 21.78 -22.48
C PRO B 623 35.00 21.87 -22.93
N TRP B 624 34.71 21.67 -24.23
CA TRP B 624 33.33 21.43 -24.64
C TRP B 624 32.83 20.11 -24.09
N GLY B 625 33.70 19.09 -24.03
CA GLY B 625 33.29 17.77 -23.58
C GLY B 625 32.84 17.71 -22.14
N LEU B 626 33.29 18.65 -21.30
CA LEU B 626 32.75 18.80 -19.96
C LEU B 626 31.28 19.21 -20.00
N TRP B 627 31.00 20.38 -20.56
CA TRP B 627 29.65 20.91 -20.60
C TRP B 627 28.76 20.23 -21.63
N LYS B 628 29.31 19.28 -22.41
CA LYS B 628 28.51 18.57 -23.39
C LYS B 628 27.45 17.70 -22.71
N ASN B 629 27.75 17.22 -21.51
CA ASN B 629 26.78 16.41 -20.79
C ASN B 629 25.66 17.26 -20.20
N HIS B 630 25.99 18.47 -19.75
CA HIS B 630 25.02 19.27 -19.01
C HIS B 630 23.90 19.73 -19.93
N VAL B 631 24.23 20.12 -21.16
CA VAL B 631 23.20 20.39 -22.14
C VAL B 631 22.48 19.10 -22.51
N ALA B 632 23.20 17.98 -22.58
CA ALA B 632 22.54 16.71 -22.81
C ALA B 632 21.66 16.29 -21.66
N LEU B 633 22.01 16.70 -20.44
CA LEU B 633 21.11 16.47 -19.32
C LEU B 633 20.00 17.49 -19.30
N ALA B 634 20.28 18.73 -19.70
CA ALA B 634 19.23 19.75 -19.71
C ALA B 634 18.21 19.47 -20.78
N CYS B 635 18.64 18.95 -21.94
CA CYS B 635 17.65 18.50 -22.90
C CYS B 635 17.04 17.17 -22.52
N MET B 636 17.65 16.43 -21.59
CA MET B 636 16.97 15.27 -21.03
C MET B 636 15.86 15.70 -20.09
N ILE B 637 16.01 16.86 -19.44
CA ILE B 637 15.03 17.34 -18.49
C ILE B 637 13.76 17.76 -19.22
N VAL B 638 13.92 18.51 -20.31
CA VAL B 638 12.79 19.13 -20.98
C VAL B 638 11.90 18.09 -21.64
N ILE B 639 12.50 17.07 -22.27
CA ILE B 639 11.70 16.06 -22.95
C ILE B 639 11.00 15.17 -21.94
N PHE B 640 11.61 14.97 -20.77
CA PHE B 640 10.97 14.20 -19.72
C PHE B 640 9.91 15.00 -18.98
N LEU B 641 10.03 16.32 -18.93
CA LEU B 641 9.04 17.09 -18.18
C LEU B 641 7.82 17.36 -19.04
N THR B 642 8.00 17.65 -20.32
CA THR B 642 6.86 17.89 -21.18
C THR B 642 6.13 16.63 -21.59
N ILE B 643 6.77 15.46 -21.50
CA ILE B 643 5.98 14.24 -21.64
C ILE B 643 5.18 14.03 -20.36
N ALA B 644 5.67 14.53 -19.23
CA ALA B 644 4.86 14.51 -18.01
C ALA B 644 3.79 15.58 -18.08
N TYR B 645 4.12 16.72 -18.68
CA TYR B 645 3.12 17.77 -18.89
C TYR B 645 2.08 17.33 -19.90
N LEU B 646 2.46 16.49 -20.86
CA LEU B 646 1.47 15.93 -21.76
C LEU B 646 0.59 14.91 -21.04
N LYS B 647 1.20 14.09 -20.18
CA LYS B 647 0.46 12.99 -19.56
C LYS B 647 -0.59 13.50 -18.57
N LEU B 648 -0.31 14.58 -17.85
CA LEU B 648 -1.35 15.18 -17.04
C LEU B 648 -2.41 15.87 -17.88
N LEU B 649 -2.02 16.43 -19.02
CA LEU B 649 -2.97 17.19 -19.82
C LEU B 649 -3.92 16.25 -20.54
N PHE B 650 -3.41 15.16 -21.09
CA PHE B 650 -4.24 14.14 -21.72
C PHE B 650 -4.45 13.02 -20.69
N LEU B 651 -5.18 13.35 -19.65
CA LEU B 651 -5.58 12.38 -18.64
C LEU B 651 -7.09 12.27 -18.69
N LYS B 652 -7.61 11.05 -18.59
CA LYS B 652 -9.05 10.85 -18.66
C LYS B 652 -9.65 11.29 -17.34
N LYS B 653 -10.12 12.54 -17.31
CA LYS B 653 -10.48 13.22 -16.08
C LYS B 653 -11.99 13.26 -15.87
N TYR B 654 -12.67 12.19 -16.23
CA TYR B 654 -14.11 12.13 -16.07
C TYR B 654 -14.51 10.93 -15.23
C1 CLR C . 36.16 -13.50 10.10
C2 CLR C . 37.32 -14.03 9.27
C3 CLR C . 37.56 -15.52 9.54
C4 CLR C . 36.31 -16.31 9.16
C5 CLR C . 35.12 -15.71 9.86
C6 CLR C . 34.29 -16.49 10.57
C7 CLR C . 32.80 -16.21 10.63
C8 CLR C . 32.53 -14.72 10.43
C9 CLR C . 33.75 -13.87 10.72
C10 CLR C . 34.87 -14.23 9.75
C11 CLR C . 33.48 -12.36 10.69
C12 CLR C . 32.19 -11.94 11.42
C13 CLR C . 31.06 -12.83 10.92
C14 CLR C . 31.39 -14.24 11.31
C15 CLR C . 30.07 -14.99 11.25
C16 CLR C . 29.01 -13.94 11.55
C17 CLR C . 29.69 -12.57 11.51
C18 CLR C . 30.98 -12.72 9.40
C19 CLR C . 34.45 -13.91 8.32
C20 CLR C . 28.89 -11.56 10.69
C21 CLR C . 29.28 -10.14 11.06
C22 CLR C . 27.39 -11.79 10.87
C23 CLR C . 26.69 -10.50 11.29
C24 CLR C . 25.80 -10.75 12.50
C25 CLR C . 24.73 -9.66 12.61
C26 CLR C . 24.01 -9.74 13.96
C27 CLR C . 25.33 -8.28 12.41
O1 CLR C . 38.66 -15.97 8.74
C10 RS4 D . 21.25 1.66 -5.15
C11 RS4 D . 19.85 1.26 -5.15
C14 RS4 D . 23.05 3.39 -4.24
C15 RS4 D . 23.60 3.99 -5.50
C16 RS4 D . 22.05 0.76 -5.98
C17 RS4 D . 19.80 0.07 -6.01
C1 RS4 D . 19.14 2.96 -3.75
C19 RS4 D . 18.67 -0.67 -6.31
C2 RS4 D . 20.52 3.51 -3.65
C20 RS4 D . 18.81 -1.75 -7.15
C21 RS4 D . 20.15 -2.08 -7.66
C22 RS4 D . 21.28 -1.21 -7.27
C24 RS4 D . 20.38 -3.25 -8.57
C25 RS4 D . 17.62 -2.58 -7.48
C28 RS4 D . 17.91 -3.55 -8.59
C3 RS4 D . 20.75 4.62 -2.86
C4 RS4 D . 19.69 5.24 -2.20
C5 RS4 D . 18.40 4.72 -2.29
C6 RS4 D . 18.12 3.60 -3.07
C7 RS4 D . 16.44 -1.69 -7.83
C8 RS4 D . 15.32 -1.80 -6.82
C9 RS4 D . 21.64 2.86 -4.36
N13 RS4 D . 18.85 1.88 -4.49
N18 RS4 D . 21.02 -0.19 -6.45
O1 RS4 D . 17.30 -3.34 -6.32
O23 RS4 D . 22.43 -1.42 -7.68
O29 RS4 D . 19.19 -3.55 -9.27
O31 RS4 D . 17.07 -4.35 -8.95
O7 RS4 D . 19.91 6.34 -1.43
C1 CLR E . 24.26 13.85 -28.62
C2 CLR E . 25.69 14.40 -28.60
C3 CLR E . 25.72 15.88 -28.97
C4 CLR E . 24.89 16.67 -27.96
C5 CLR E . 23.52 16.05 -27.86
C6 CLR E . 22.41 16.81 -27.97
C7 CLR E . 21.17 16.52 -27.16
C8 CLR E . 21.06 15.04 -26.85
C9 CLR E . 21.93 14.19 -27.78
C10 CLR E . 23.39 14.57 -27.62
C11 CLR E . 21.73 12.68 -27.60
C12 CLR E . 20.26 12.25 -27.50
C13 CLR E . 19.59 13.12 -26.46
C14 CLR E . 19.63 14.54 -26.95
C15 CLR E . 18.57 15.28 -26.16
C16 CLR E . 17.51 14.22 -25.84
C17 CLR E . 18.12 12.86 -26.20
C18 CLR E . 20.36 13.01 -25.15
C19 CLR E . 23.85 14.27 -26.20
C20 CLR E . 17.91 11.83 -25.09
C21 CLR E . 18.03 10.41 -25.63
C22 CLR E . 16.57 12.05 -24.39
C23 CLR E . 15.76 10.77 -24.33
C24 CLR E . 14.34 10.98 -24.83
C25 CLR E . 13.40 9.89 -24.34
C26 CLR E . 12.06 9.96 -25.05
C27 CLR E . 14.04 8.51 -24.51
O1 CLR E . 27.08 16.34 -28.94
#